data_7E1E
#
_entry.id   7E1E
#
_cell.length_a   1.00
_cell.length_b   1.00
_cell.length_c   1.00
_cell.angle_alpha   90.00
_cell.angle_beta   90.00
_cell.angle_gamma   90.00
#
_symmetry.space_group_name_H-M   'P 1'
#
loop_
_entity.id
_entity.type
_entity.pdbx_description
1 polymer 'Serum lectin'
2 non-polymer 'CALCIUM ION'
#
_entity_poly.entity_id   1
_entity_poly.type   'polypeptide(L)'
_entity_poly.pdbx_seq_one_letter_code
;MEASRLLLLLLLPLLLLFCNSVAAACSCTDSCSDAKESESKCGCKHEEETKQLPRSCKEIKLKTKTKEDGVYCLQTKSGQ
FYQAFCDMNTNGGGWTLVASVHENNIAAKCAIGDRWSSQLGSNPAVGFVDGDRSWANLNTFGRVESATDDDYKNPGYFDV
DAEDISVWHVPNGTPLAQWKISSIFRYHTATEFLTPLGGNLYFLYKIFYPLVYGSGTCPASNGPAIPIVYDFGNTISVAS
QVCPACLGGTLQGYVHLRVFNNERAPFALCSGLRVLDNCNTEHYCIGGAGYVPEQTPRQCGDFSAFDWSGIGTHVEWSAS
KSLLEAAVFIFYR
;
_entity_poly.pdbx_strand_id   A,B,C
#
loop_
_chem_comp.id
_chem_comp.type
_chem_comp.name
_chem_comp.formula
CA non-polymer 'CALCIUM ION' 'Ca 2'
#
# COMPACT_ATOMS: atom_id res chain seq x y z
N ARG A 55 9.03 18.96 15.45
CA ARG A 55 7.70 18.69 14.94
C ARG A 55 7.55 19.15 13.49
N SER A 56 8.47 20.00 13.05
CA SER A 56 8.47 20.49 11.69
C SER A 56 9.87 20.92 11.32
N CYS A 57 10.03 21.34 10.06
CA CYS A 57 11.33 21.84 9.64
C CYS A 57 11.50 23.31 10.02
N LYS A 58 10.41 24.00 10.30
CA LYS A 58 10.51 25.41 10.66
C LYS A 58 11.33 25.59 11.93
N GLU A 59 11.02 24.80 12.97
CA GLU A 59 11.79 24.93 14.20
C GLU A 59 13.22 24.44 14.02
N ILE A 60 13.42 23.45 13.16
CA ILE A 60 14.78 23.00 12.88
C ILE A 60 15.59 24.14 12.27
N LYS A 61 14.98 24.89 11.36
CA LYS A 61 15.65 26.07 10.82
C LYS A 61 15.84 27.13 11.90
N LEU A 62 14.91 27.22 12.84
CA LEU A 62 14.97 28.27 13.86
C LEU A 62 16.13 28.05 14.83
N LYS A 63 16.14 26.92 15.54
CA LYS A 63 17.22 26.72 16.50
C LYS A 63 18.55 26.57 15.79
N THR A 64 18.58 25.81 14.70
CA THR A 64 19.83 25.45 14.03
C THR A 64 19.85 26.17 12.67
N LYS A 65 20.64 27.24 12.56
CA LYS A 65 20.49 28.14 11.43
C LYS A 65 20.90 27.53 10.11
N THR A 66 22.17 27.14 9.97
CA THR A 66 22.82 26.94 8.69
C THR A 66 22.35 25.68 7.98
N LYS A 67 21.28 25.06 8.44
CA LYS A 67 20.86 23.79 7.89
C LYS A 67 20.34 23.99 6.47
N GLU A 68 20.49 22.94 5.65
CA GLU A 68 20.19 23.02 4.23
C GLU A 68 19.12 22.00 3.85
N ASP A 69 18.90 21.87 2.55
CA ASP A 69 17.90 20.93 2.06
C ASP A 69 18.30 19.50 2.44
N GLY A 70 17.31 18.67 2.70
CA GLY A 70 17.59 17.27 2.93
C GLY A 70 16.55 16.67 3.85
N VAL A 71 16.68 15.35 4.06
CA VAL A 71 15.73 14.63 4.88
C VAL A 71 16.11 14.82 6.34
N TYR A 72 15.10 15.01 7.19
CA TYR A 72 15.29 15.15 8.62
C TYR A 72 14.28 14.28 9.35
N CYS A 73 14.57 14.01 10.60
CA CYS A 73 13.70 13.22 11.46
C CYS A 73 12.75 14.14 12.20
N LEU A 74 11.46 13.81 12.16
CA LEU A 74 10.43 14.57 12.85
C LEU A 74 9.55 13.60 13.61
N GLN A 75 8.69 14.16 14.47
CA GLN A 75 7.73 13.35 15.19
C GLN A 75 6.45 14.14 15.37
N THR A 76 5.32 13.44 15.25
CA THR A 76 4.04 14.05 15.57
C THR A 76 4.00 14.32 17.08
N LYS A 77 3.09 15.21 17.49
CA LYS A 77 3.04 15.51 18.93
C LYS A 77 2.52 14.31 19.72
N SER A 78 1.86 13.37 19.06
CA SER A 78 1.50 12.11 19.70
C SER A 78 2.69 11.19 19.80
N GLY A 79 3.73 11.43 19.01
CA GLY A 79 5.02 10.86 19.29
C GLY A 79 5.60 9.91 18.27
N GLN A 80 4.87 9.58 17.20
CA GLN A 80 5.41 8.62 16.25
C GLN A 80 6.40 9.32 15.35
N PHE A 81 7.49 8.63 15.03
CA PHE A 81 8.57 9.21 14.26
C PHE A 81 8.31 9.05 12.77
N TYR A 82 8.90 9.95 12.00
CA TYR A 82 8.91 9.81 10.54
C TYR A 82 10.01 10.70 10.00
N GLN A 83 10.23 10.62 8.70
CA GLN A 83 11.23 11.42 8.03
C GLN A 83 10.58 12.29 6.99
N ALA A 84 11.03 13.53 6.90
CA ALA A 84 10.43 14.48 5.98
C ALA A 84 11.54 15.26 5.29
N PHE A 85 11.27 15.66 4.05
CA PHE A 85 12.24 16.41 3.27
C PHE A 85 12.08 17.90 3.54
N CYS A 86 13.01 18.46 4.31
CA CYS A 86 13.00 19.88 4.65
C CYS A 86 13.75 20.67 3.60
N ASP A 87 13.09 21.71 3.08
CA ASP A 87 13.73 22.71 2.24
C ASP A 87 14.09 23.90 3.11
N MET A 88 15.31 24.42 2.97
CA MET A 88 15.83 25.42 3.89
C MET A 88 16.37 26.65 3.19
N ASN A 89 16.10 26.83 1.90
CA ASN A 89 16.65 27.95 1.14
C ASN A 89 15.57 28.86 0.60
N THR A 90 14.37 28.34 0.40
CA THR A 90 13.27 29.13 -0.14
C THR A 90 12.79 30.16 0.86
N ASN A 91 13.09 31.42 0.60
CA ASN A 91 12.51 32.54 1.35
C ASN A 91 12.67 32.32 2.86
N GLY A 92 13.91 32.23 3.30
CA GLY A 92 14.19 31.89 4.67
C GLY A 92 14.06 30.42 4.99
N GLY A 93 13.56 29.61 4.07
CA GLY A 93 13.48 28.18 4.27
C GLY A 93 12.52 27.78 5.37
N GLY A 94 12.58 26.50 5.71
CA GLY A 94 11.74 25.94 6.74
C GLY A 94 10.48 25.26 6.24
N TRP A 95 10.41 24.95 4.96
CA TRP A 95 9.23 24.32 4.39
C TRP A 95 9.34 22.82 4.54
N THR A 96 8.29 22.18 5.03
CA THR A 96 8.25 20.73 5.18
C THR A 96 7.45 20.14 4.04
N LEU A 97 8.00 19.14 3.37
CA LEU A 97 7.24 18.43 2.34
C LEU A 97 6.22 17.53 3.01
N VAL A 98 4.94 17.73 2.71
CA VAL A 98 3.89 16.98 3.38
C VAL A 98 3.05 16.13 2.44
N ALA A 99 3.06 16.40 1.14
CA ALA A 99 2.20 15.64 0.24
C ALA A 99 2.78 15.68 -1.16
N SER A 100 2.19 14.87 -2.03
CA SER A 100 2.58 14.82 -3.43
C SER A 100 1.46 14.17 -4.21
N VAL A 101 0.98 14.84 -5.24
CA VAL A 101 -0.12 14.35 -6.04
C VAL A 101 0.45 13.85 -7.36
N HIS A 102 0.82 12.58 -7.39
CA HIS A 102 1.43 11.97 -8.56
C HIS A 102 0.35 11.31 -9.40
N GLU A 103 0.51 11.36 -10.71
CA GLU A 103 -0.40 10.67 -11.61
C GLU A 103 0.38 9.60 -12.33
N ASN A 104 0.05 8.34 -12.04
CA ASN A 104 0.72 7.21 -12.66
C ASN A 104 0.11 6.84 -14.00
N ASN A 105 -1.17 7.14 -14.22
CA ASN A 105 -1.82 6.75 -15.46
C ASN A 105 -3.02 7.64 -15.77
N ILE A 106 -2.85 8.54 -16.74
CA ILE A 106 -3.91 9.48 -17.07
C ILE A 106 -5.07 8.76 -17.75
N ALA A 107 -4.83 7.58 -18.31
CA ALA A 107 -5.89 6.82 -18.96
C ALA A 107 -6.71 6.01 -17.97
N ALA A 108 -6.21 5.78 -16.76
CA ALA A 108 -6.95 5.04 -15.75
C ALA A 108 -7.85 6.01 -14.98
N LYS A 109 -9.14 5.93 -15.27
CA LYS A 109 -10.14 6.85 -14.71
C LYS A 109 -10.59 6.32 -13.36
N CYS A 110 -10.06 6.91 -12.28
CA CYS A 110 -10.36 6.47 -10.92
C CYS A 110 -10.12 4.96 -10.77
N ALA A 111 -8.86 4.58 -10.90
CA ALA A 111 -8.39 3.22 -10.76
C ALA A 111 -7.26 3.17 -9.75
N ILE A 112 -6.56 2.04 -9.69
CA ILE A 112 -5.46 1.89 -8.74
C ILE A 112 -4.44 2.98 -8.98
N GLY A 113 -4.04 3.66 -7.91
CA GLY A 113 -3.07 4.70 -7.99
C GLY A 113 -3.63 6.11 -7.96
N ASP A 114 -4.94 6.26 -8.20
CA ASP A 114 -5.57 7.57 -8.08
C ASP A 114 -6.05 7.74 -6.64
N ARG A 115 -5.10 7.77 -5.72
CA ARG A 115 -5.40 7.83 -4.30
C ARG A 115 -6.02 9.16 -3.88
N TRP A 116 -5.86 10.20 -4.67
CA TRP A 116 -6.34 11.52 -4.28
C TRP A 116 -7.75 11.80 -4.74
N SER A 117 -8.27 11.07 -5.72
CA SER A 117 -9.61 11.33 -6.21
C SER A 117 -10.50 10.15 -5.88
N SER A 118 -10.20 8.95 -6.37
CA SER A 118 -10.98 7.76 -6.08
C SER A 118 -10.27 6.56 -6.68
N GLN A 119 -10.46 5.41 -6.06
CA GLN A 119 -9.83 4.18 -6.53
C GLN A 119 -10.84 3.12 -6.95
N LEU A 120 -12.13 3.39 -6.74
CA LEU A 120 -13.16 2.42 -7.05
C LEU A 120 -14.08 2.88 -8.18
N GLY A 121 -13.68 3.88 -8.94
CA GLY A 121 -14.50 4.35 -10.04
C GLY A 121 -15.28 5.59 -9.67
N SER A 122 -16.07 6.08 -10.64
CA SER A 122 -16.91 7.25 -10.44
C SER A 122 -18.35 6.79 -10.24
N ASN A 123 -18.72 6.58 -8.98
CA ASN A 123 -20.02 6.02 -8.68
C ASN A 123 -20.80 7.03 -7.86
N PRO A 124 -22.02 7.38 -8.28
CA PRO A 124 -22.83 8.32 -7.49
C PRO A 124 -23.57 7.69 -6.33
N ALA A 125 -23.29 6.43 -5.99
CA ALA A 125 -23.94 5.81 -4.84
C ALA A 125 -23.52 6.48 -3.55
N VAL A 126 -24.37 6.37 -2.53
CA VAL A 126 -24.19 7.11 -1.28
C VAL A 126 -22.85 6.79 -0.63
N GLY A 127 -22.35 5.58 -0.83
CA GLY A 127 -21.07 5.21 -0.25
C GLY A 127 -19.87 5.52 -1.12
N PHE A 128 -20.09 6.17 -2.26
CA PHE A 128 -19.05 6.36 -3.25
C PHE A 128 -18.75 7.82 -3.55
N VAL A 129 -19.66 8.73 -3.23
CA VAL A 129 -19.52 10.09 -3.72
C VAL A 129 -18.45 10.84 -2.95
N ASP A 130 -17.97 10.26 -1.86
CA ASP A 130 -16.96 10.92 -1.05
C ASP A 130 -15.54 10.51 -1.42
N GLY A 131 -15.38 9.62 -2.39
CA GLY A 131 -14.04 9.24 -2.81
C GLY A 131 -13.28 8.51 -1.72
N ASP A 132 -11.99 8.80 -1.63
CA ASP A 132 -11.17 8.24 -0.56
C ASP A 132 -10.94 9.21 0.59
N ARG A 133 -11.35 10.47 0.43
CA ARG A 133 -11.18 11.50 1.45
C ARG A 133 -9.72 11.73 1.79
N SER A 134 -8.80 11.29 0.93
CA SER A 134 -7.38 11.42 1.23
C SER A 134 -6.97 12.86 1.46
N TRP A 135 -7.78 13.82 1.03
CA TRP A 135 -7.55 15.21 1.36
C TRP A 135 -7.96 15.55 2.78
N ALA A 136 -8.86 14.77 3.38
CA ALA A 136 -9.41 15.11 4.68
C ALA A 136 -9.50 13.87 5.57
N ASN A 137 -8.46 13.05 5.60
CA ASN A 137 -8.41 11.94 6.55
C ASN A 137 -6.99 11.71 6.98
N LEU A 138 -6.81 10.88 8.00
CA LEU A 138 -5.51 10.62 8.58
C LEU A 138 -4.74 9.54 7.84
N ASN A 139 -5.26 9.04 6.71
CA ASN A 139 -4.56 8.02 5.98
C ASN A 139 -3.26 8.55 5.41
N THR A 140 -2.18 7.78 5.54
CA THR A 140 -0.89 8.16 5.01
C THR A 140 -0.35 7.02 4.16
N PHE A 141 0.46 7.36 3.16
CA PHE A 141 0.94 6.36 2.24
C PHE A 141 2.24 6.82 1.60
N GLY A 142 2.91 5.91 0.92
CA GLY A 142 4.14 6.21 0.23
C GLY A 142 5.27 6.57 1.16
N ARG A 143 6.46 6.70 0.58
CA ARG A 143 7.64 7.13 1.30
C ARG A 143 8.29 8.29 0.56
N VAL A 144 9.38 8.80 1.14
CA VAL A 144 9.92 10.08 0.69
C VAL A 144 10.50 9.96 -0.71
N GLU A 145 11.55 9.17 -0.87
CA GLU A 145 12.28 9.17 -2.13
C GLU A 145 11.49 8.61 -3.29
N SER A 146 10.30 8.09 -3.05
CA SER A 146 9.41 7.68 -4.12
C SER A 146 8.33 8.69 -4.38
N ALA A 147 8.42 9.88 -3.80
CA ALA A 147 7.39 10.90 -3.97
C ALA A 147 7.27 11.38 -5.40
N THR A 148 8.20 11.03 -6.26
CA THR A 148 8.18 11.45 -7.65
C THR A 148 7.80 10.30 -8.58
N ASP A 149 7.48 9.14 -8.04
CA ASP A 149 6.99 8.03 -8.85
C ASP A 149 5.64 7.51 -8.43
N ASP A 150 5.15 7.85 -7.24
CA ASP A 150 3.78 7.53 -6.86
C ASP A 150 3.41 8.45 -5.71
N ASP A 151 2.10 8.59 -5.49
CA ASP A 151 1.56 9.49 -4.49
C ASP A 151 2.28 9.33 -3.15
N TYR A 152 2.28 10.40 -2.37
CA TYR A 152 2.98 10.42 -1.10
C TYR A 152 2.27 11.36 -0.15
N LYS A 153 2.21 10.97 1.12
CA LYS A 153 1.53 11.78 2.14
C LYS A 153 1.97 11.29 3.50
N ASN A 154 2.47 12.22 4.33
CA ASN A 154 3.01 11.83 5.62
C ASN A 154 2.23 12.51 6.73
N PRO A 155 2.38 12.09 7.99
CA PRO A 155 1.59 12.71 9.07
C PRO A 155 1.66 14.22 9.09
N GLY A 156 2.79 14.81 8.74
CA GLY A 156 2.88 16.26 8.71
C GLY A 156 1.80 16.94 7.90
N TYR A 157 1.05 16.19 7.10
CA TYR A 157 -0.05 16.77 6.36
C TYR A 157 -1.11 17.34 7.30
N PHE A 158 -1.47 16.60 8.34
CA PHE A 158 -2.55 17.02 9.22
C PHE A 158 -2.09 17.48 10.58
N ASP A 159 -0.93 17.00 11.04
CA ASP A 159 -0.48 17.40 12.37
C ASP A 159 0.13 18.79 12.36
N VAL A 160 1.17 19.01 11.55
CA VAL A 160 1.91 20.26 11.57
C VAL A 160 0.97 21.42 11.27
N ASP A 161 0.99 22.43 12.14
CA ASP A 161 0.30 23.68 11.89
C ASP A 161 1.21 24.55 11.03
N ALA A 162 0.61 25.34 10.14
CA ALA A 162 1.41 26.10 9.20
C ALA A 162 0.71 27.40 8.88
N GLU A 163 1.46 28.31 8.27
CA GLU A 163 0.94 29.59 7.80
C GLU A 163 0.76 29.63 6.29
N ASP A 164 1.72 29.12 5.54
CA ASP A 164 1.68 29.18 4.08
C ASP A 164 2.00 27.81 3.50
N ILE A 165 1.64 27.65 2.24
CA ILE A 165 1.95 26.44 1.49
C ILE A 165 2.82 26.83 0.30
N SER A 166 3.73 25.94 -0.05
CA SER A 166 4.56 26.08 -1.23
C SER A 166 4.23 24.92 -2.16
N VAL A 167 4.36 25.15 -3.46
CA VAL A 167 4.00 24.14 -4.45
C VAL A 167 5.12 24.04 -5.46
N TRP A 168 5.55 22.81 -5.74
CA TRP A 168 6.54 22.50 -6.75
C TRP A 168 5.93 21.57 -7.79
N HIS A 169 6.40 21.67 -9.01
CA HIS A 169 6.07 20.70 -10.06
C HIS A 169 7.37 20.01 -10.45
N VAL A 170 7.49 18.73 -10.14
CA VAL A 170 8.71 17.99 -10.39
C VAL A 170 8.43 16.91 -11.42
N PRO A 171 9.22 16.77 -12.47
CA PRO A 171 8.95 15.72 -13.46
C PRO A 171 9.12 14.33 -12.88
N ASN A 172 8.24 13.41 -13.26
CA ASN A 172 8.26 12.05 -12.72
C ASN A 172 9.60 11.38 -12.97
N GLY A 173 9.98 10.50 -12.06
CA GLY A 173 11.23 9.78 -12.18
C GLY A 173 12.44 10.55 -11.69
N THR A 174 12.25 11.77 -11.23
CA THR A 174 13.39 12.58 -10.80
C THR A 174 13.87 12.11 -9.43
N PRO A 175 15.13 11.71 -9.29
CA PRO A 175 15.66 11.41 -7.96
C PRO A 175 15.64 12.64 -7.09
N LEU A 176 15.84 12.41 -5.79
CA LEU A 176 15.73 13.49 -4.81
C LEU A 176 16.70 14.63 -5.09
N ALA A 177 17.95 14.30 -5.41
CA ALA A 177 18.97 15.34 -5.52
C ALA A 177 18.70 16.33 -6.64
N GLN A 178 17.79 16.01 -7.56
CA GLN A 178 17.44 16.92 -8.64
C GLN A 178 16.19 17.73 -8.38
N TRP A 179 15.43 17.40 -7.32
CA TRP A 179 14.06 17.89 -7.20
C TRP A 179 13.97 19.40 -7.39
N LYS A 180 14.85 20.15 -6.73
CA LYS A 180 14.73 21.60 -6.81
C LYS A 180 15.13 22.13 -8.17
N ILE A 181 16.19 21.56 -8.77
CA ILE A 181 16.70 22.16 -10.00
C ILE A 181 15.96 21.65 -11.22
N SER A 182 15.39 20.45 -11.15
CA SER A 182 14.62 19.89 -12.25
C SER A 182 13.17 20.33 -12.24
N SER A 183 12.70 20.91 -11.15
CA SER A 183 11.33 21.37 -11.08
C SER A 183 11.09 22.43 -12.13
N ILE A 184 9.87 22.47 -12.65
CA ILE A 184 9.52 23.47 -13.66
C ILE A 184 8.79 24.66 -13.07
N PHE A 185 7.98 24.47 -12.03
CA PHE A 185 7.27 25.55 -11.38
C PHE A 185 7.50 25.46 -9.89
N ARG A 186 7.75 26.61 -9.28
CA ARG A 186 7.86 26.68 -7.83
C ARG A 186 7.27 27.99 -7.38
N TYR A 187 6.31 27.93 -6.45
CA TYR A 187 5.77 29.16 -5.90
C TYR A 187 5.37 28.90 -4.46
N HIS A 188 4.97 29.98 -3.78
CA HIS A 188 4.49 29.86 -2.42
C HIS A 188 3.67 31.09 -2.07
N THR A 189 2.73 30.90 -1.17
CA THR A 189 1.91 32.01 -0.71
C THR A 189 2.63 32.77 0.39
N ALA A 190 2.21 34.01 0.63
CA ALA A 190 2.81 34.85 1.66
C ALA A 190 1.75 35.60 2.44
N THR A 191 0.57 35.02 2.61
CA THR A 191 -0.54 35.70 3.25
C THR A 191 -0.97 35.06 4.58
N GLU A 192 -0.30 34.01 5.02
CA GLU A 192 -0.57 33.41 6.33
C GLU A 192 -2.05 33.08 6.47
N PHE A 193 -2.63 32.51 5.42
CA PHE A 193 -4.06 32.29 5.37
C PHE A 193 -4.47 30.99 6.03
N LEU A 194 -3.51 30.19 6.51
CA LEU A 194 -3.87 28.89 7.04
C LEU A 194 -4.31 28.97 8.49
N THR A 195 -3.90 30.00 9.21
CA THR A 195 -4.28 30.10 10.62
C THR A 195 -5.77 30.25 10.83
N PRO A 196 -6.49 31.12 10.11
CA PRO A 196 -7.95 31.16 10.27
C PRO A 196 -8.64 29.90 9.83
N LEU A 197 -7.96 29.01 9.10
CA LEU A 197 -8.59 27.83 8.53
C LEU A 197 -8.23 26.56 9.29
N GLY A 198 -7.54 26.67 10.41
CA GLY A 198 -7.21 25.51 11.20
C GLY A 198 -5.75 25.14 11.23
N GLY A 199 -4.93 25.73 10.37
CA GLY A 199 -3.51 25.53 10.41
C GLY A 199 -2.95 24.61 9.35
N ASN A 200 -3.78 23.80 8.71
CA ASN A 200 -3.30 22.90 7.67
C ASN A 200 -4.46 22.57 6.75
N LEU A 201 -4.15 21.82 5.69
CA LEU A 201 -5.17 21.53 4.69
C LEU A 201 -6.21 20.56 5.21
N TYR A 202 -5.84 19.72 6.17
CA TYR A 202 -6.81 18.80 6.78
C TYR A 202 -7.94 19.58 7.43
N PHE A 203 -7.60 20.53 8.30
CA PHE A 203 -8.64 21.36 8.89
C PHE A 203 -9.23 22.31 7.87
N LEU A 204 -8.50 22.60 6.80
CA LEU A 204 -9.07 23.44 5.75
C LEU A 204 -10.18 22.71 5.02
N TYR A 205 -10.13 21.39 5.01
CA TYR A 205 -11.20 20.59 4.43
C TYR A 205 -12.14 20.03 5.49
N LYS A 206 -11.96 20.43 6.75
CA LYS A 206 -13.05 20.35 7.72
C LYS A 206 -13.87 21.64 7.76
N ILE A 207 -13.20 22.80 7.77
CA ILE A 207 -13.79 24.08 7.39
C ILE A 207 -14.06 24.04 5.89
N PHE A 208 -14.65 25.08 5.33
CA PHE A 208 -15.19 24.97 3.98
C PHE A 208 -14.10 24.69 2.96
N TYR A 209 -13.91 23.42 2.68
CA TYR A 209 -15.01 22.54 2.34
C TYR A 209 -14.68 21.14 2.77
N PRO A 210 -15.61 20.41 3.34
CA PRO A 210 -15.71 18.99 3.04
C PRO A 210 -15.89 18.74 1.56
N LEU A 211 -14.93 18.10 0.91
CA LEU A 211 -14.97 17.95 -0.54
C LEU A 211 -16.06 16.97 -0.95
N VAL A 212 -17.31 17.44 -0.98
CA VAL A 212 -18.46 16.59 -1.23
C VAL A 212 -19.10 17.01 -2.54
N TYR A 213 -19.50 16.04 -3.35
CA TYR A 213 -20.08 16.36 -4.63
C TYR A 213 -21.49 16.89 -4.46
N GLY A 214 -21.84 17.88 -5.26
CA GLY A 214 -23.19 18.37 -5.34
C GLY A 214 -23.56 19.45 -4.35
N SER A 215 -22.84 19.58 -3.24
CA SER A 215 -23.25 20.51 -2.21
C SER A 215 -22.71 21.92 -2.43
N GLY A 216 -22.50 22.30 -3.68
CA GLY A 216 -22.10 23.65 -4.00
C GLY A 216 -22.41 23.99 -5.45
N THR A 217 -21.78 25.06 -5.93
CA THR A 217 -21.85 25.47 -7.33
C THR A 217 -20.61 26.31 -7.64
N CYS A 218 -20.39 26.54 -8.93
CA CYS A 218 -19.24 27.32 -9.37
C CYS A 218 -19.45 28.77 -8.96
N PRO A 219 -18.58 29.71 -9.36
CA PRO A 219 -17.96 30.65 -8.40
C PRO A 219 -18.79 31.07 -7.19
N ALA A 220 -20.12 31.10 -7.30
CA ALA A 220 -20.95 31.49 -6.16
C ALA A 220 -20.54 30.79 -4.88
N SER A 221 -20.03 29.55 -4.98
CA SER A 221 -19.65 28.77 -3.81
C SER A 221 -18.21 28.27 -3.87
N ASN A 222 -17.34 29.00 -4.56
CA ASN A 222 -15.95 28.55 -4.68
C ASN A 222 -15.20 28.79 -3.38
N GLY A 223 -13.98 28.27 -3.31
CA GLY A 223 -13.16 28.42 -2.13
C GLY A 223 -12.28 29.65 -2.18
N PRO A 224 -11.25 29.67 -1.35
CA PRO A 224 -10.37 30.84 -1.31
C PRO A 224 -9.49 30.92 -2.54
N ALA A 225 -9.05 32.14 -2.84
CA ALA A 225 -8.09 32.39 -3.91
C ALA A 225 -6.96 33.23 -3.34
N ILE A 226 -5.80 32.62 -3.16
CA ILE A 226 -4.67 33.24 -2.47
C ILE A 226 -3.68 33.72 -3.50
N PRO A 227 -3.18 34.95 -3.42
CA PRO A 227 -2.13 35.39 -4.33
C PRO A 227 -0.81 34.72 -3.96
N ILE A 228 -0.04 34.37 -4.98
CA ILE A 228 1.21 33.65 -4.78
C ILE A 228 2.37 34.51 -5.28
N VAL A 229 3.55 34.19 -4.79
CA VAL A 229 4.77 34.77 -5.33
C VAL A 229 5.53 33.66 -6.04
N TYR A 230 6.17 34.03 -7.15
CA TYR A 230 6.82 33.07 -8.02
C TYR A 230 8.24 32.85 -7.54
N ASP A 231 8.59 31.59 -7.33
CA ASP A 231 9.95 31.24 -6.97
C ASP A 231 10.75 30.77 -8.15
N PHE A 232 10.11 30.09 -9.09
CA PHE A 232 10.70 29.68 -10.35
C PHE A 232 9.57 29.50 -11.33
N GLY A 233 9.70 30.12 -12.49
CA GLY A 233 8.61 30.20 -13.42
C GLY A 233 7.99 31.58 -13.38
N ASN A 234 7.16 31.86 -14.38
CA ASN A 234 6.52 33.16 -14.50
C ASN A 234 5.21 33.00 -15.24
N THR A 235 4.40 34.05 -15.17
CA THR A 235 3.03 33.98 -15.68
C THR A 235 2.99 33.60 -17.16
N ILE A 236 4.04 33.94 -17.91
CA ILE A 236 4.12 33.48 -19.30
C ILE A 236 4.27 31.97 -19.34
N SER A 237 5.18 31.43 -18.53
CA SER A 237 5.34 29.98 -18.48
C SER A 237 4.07 29.31 -17.98
N VAL A 238 3.42 29.88 -16.97
CA VAL A 238 2.13 29.37 -16.52
C VAL A 238 1.16 29.28 -17.67
N ALA A 239 1.05 30.36 -18.45
CA ALA A 239 0.15 30.37 -19.59
C ALA A 239 0.62 29.39 -20.66
N SER A 240 1.87 28.95 -20.58
CA SER A 240 2.40 28.00 -21.55
C SER A 240 2.18 26.55 -21.16
N GLN A 241 1.89 26.27 -19.88
CA GLN A 241 1.73 24.90 -19.43
C GLN A 241 0.30 24.42 -19.41
N VAL A 242 -0.66 25.30 -19.12
CA VAL A 242 -2.08 24.97 -19.05
C VAL A 242 -2.66 24.94 -20.45
N CYS A 243 -3.91 24.48 -20.59
CA CYS A 243 -4.49 24.36 -21.92
C CYS A 243 -4.59 25.74 -22.58
N PRO A 244 -4.76 25.77 -23.89
CA PRO A 244 -5.09 27.06 -24.54
C PRO A 244 -6.43 27.62 -24.09
N ALA A 245 -7.49 26.81 -24.12
CA ALA A 245 -8.79 27.30 -23.68
C ALA A 245 -8.84 27.46 -22.16
N CYS A 246 -7.76 27.07 -21.48
CA CYS A 246 -7.65 27.34 -20.05
C CYS A 246 -7.76 28.83 -19.76
N LEU A 247 -6.84 29.60 -20.34
CA LEU A 247 -6.65 31.00 -19.97
C LEU A 247 -7.90 31.83 -20.24
N GLY A 248 -8.78 31.36 -21.11
CA GLY A 248 -9.99 32.08 -21.38
C GLY A 248 -10.94 32.20 -20.21
N GLY A 249 -10.64 31.55 -19.10
CA GLY A 249 -11.54 31.64 -17.96
C GLY A 249 -10.84 31.66 -16.62
N THR A 250 -9.58 32.07 -16.59
CA THR A 250 -8.80 32.07 -15.38
C THR A 250 -7.90 33.29 -15.36
N LEU A 251 -7.16 33.44 -14.27
CA LEU A 251 -6.21 34.54 -14.12
C LEU A 251 -4.98 34.03 -13.39
N GLN A 252 -3.80 34.19 -14.00
CA GLN A 252 -2.58 33.63 -13.42
C GLN A 252 -2.27 34.27 -12.09
N GLY A 253 -1.41 33.63 -11.32
CA GLY A 253 -0.84 34.22 -10.14
C GLY A 253 -1.57 33.96 -8.84
N TYR A 254 -2.51 33.02 -8.81
CA TYR A 254 -3.20 32.66 -7.59
C TYR A 254 -3.28 31.15 -7.47
N VAL A 255 -3.39 30.69 -6.24
CA VAL A 255 -3.73 29.31 -5.95
C VAL A 255 -5.16 29.29 -5.44
N HIS A 256 -5.95 28.35 -5.92
CA HIS A 256 -7.36 28.27 -5.59
C HIS A 256 -7.68 26.91 -5.01
N LEU A 257 -8.36 26.90 -3.87
CA LEU A 257 -8.65 25.69 -3.15
C LEU A 257 -10.16 25.45 -3.13
N ARG A 258 -10.56 24.21 -3.45
CA ARG A 258 -11.97 23.83 -3.50
C ARG A 258 -12.74 24.70 -4.49
N VAL A 259 -12.47 24.50 -5.76
CA VAL A 259 -13.30 25.07 -6.82
C VAL A 259 -14.41 24.08 -7.10
N PHE A 260 -15.53 24.57 -7.62
CA PHE A 260 -16.60 23.72 -8.12
C PHE A 260 -16.64 23.78 -9.63
N ASN A 261 -16.76 22.62 -10.28
CA ASN A 261 -16.85 22.60 -11.73
C ASN A 261 -18.28 22.92 -12.15
N ASN A 262 -18.55 22.86 -13.45
CA ASN A 262 -19.89 23.18 -13.93
C ASN A 262 -20.91 22.20 -13.41
N GLU A 263 -20.46 21.00 -13.02
CA GLU A 263 -21.36 19.92 -12.62
C GLU A 263 -21.54 19.83 -11.12
N ARG A 264 -21.12 20.87 -10.38
CA ARG A 264 -21.08 20.88 -8.93
C ARG A 264 -20.09 19.88 -8.36
N ALA A 265 -19.24 19.30 -9.19
CA ALA A 265 -18.25 18.43 -8.57
C ALA A 265 -17.08 19.26 -8.06
N PRO A 266 -16.62 19.02 -6.83
CA PRO A 266 -15.58 19.86 -6.26
C PRO A 266 -14.19 19.33 -6.55
N PHE A 267 -13.26 20.24 -6.78
CA PHE A 267 -11.87 19.90 -7.05
C PHE A 267 -10.98 20.58 -6.02
N ALA A 268 -9.97 19.87 -5.54
CA ALA A 268 -9.22 20.32 -4.39
C ALA A 268 -8.41 21.57 -4.69
N LEU A 269 -7.60 21.53 -5.74
CA LEU A 269 -6.53 22.50 -5.92
C LEU A 269 -6.42 22.91 -7.37
N CYS A 270 -6.26 24.20 -7.63
CA CYS A 270 -5.89 24.71 -8.95
C CYS A 270 -4.56 25.43 -8.80
N SER A 271 -3.49 24.78 -9.23
CA SER A 271 -2.13 25.30 -9.05
C SER A 271 -1.82 26.31 -10.12
N GLY A 272 -1.60 27.56 -9.71
CA GLY A 272 -1.06 28.58 -10.60
C GLY A 272 -2.03 29.65 -11.04
N LEU A 273 -3.33 29.42 -10.93
CA LEU A 273 -4.30 30.36 -11.46
C LEU A 273 -5.59 30.35 -10.64
N ARG A 274 -6.23 31.51 -10.60
CA ARG A 274 -7.51 31.70 -9.93
C ARG A 274 -8.62 31.55 -10.95
N VAL A 275 -9.69 30.87 -10.55
CA VAL A 275 -10.78 30.59 -11.47
C VAL A 275 -11.67 31.80 -11.63
N LEU A 276 -11.99 32.13 -12.88
CA LEU A 276 -12.95 33.17 -13.21
C LEU A 276 -14.33 32.53 -13.36
N ASP A 277 -15.23 33.23 -14.04
CA ASP A 277 -16.60 32.78 -14.16
C ASP A 277 -16.72 31.56 -15.05
N ASN A 278 -15.58 30.96 -15.42
CA ASN A 278 -15.58 29.76 -16.25
C ASN A 278 -15.61 28.50 -15.39
N CYS A 279 -16.69 27.72 -15.49
CA CYS A 279 -16.91 26.56 -14.64
C CYS A 279 -16.44 25.27 -15.30
N ASN A 280 -15.59 25.37 -16.31
CA ASN A 280 -14.96 24.20 -16.93
C ASN A 280 -13.63 23.93 -16.23
N THR A 281 -13.72 23.73 -14.92
CA THR A 281 -12.53 23.63 -14.08
C THR A 281 -11.95 22.23 -14.03
N GLU A 282 -12.58 21.25 -14.67
CA GLU A 282 -12.03 19.91 -14.65
C GLU A 282 -10.70 19.82 -15.37
N HIS A 283 -10.33 20.84 -16.14
CA HIS A 283 -9.17 20.77 -17.00
C HIS A 283 -7.94 21.45 -16.42
N TYR A 284 -8.06 22.16 -15.30
CA TYR A 284 -6.86 22.77 -14.73
C TYR A 284 -6.82 22.69 -13.21
N CYS A 285 -7.59 21.78 -12.60
CA CYS A 285 -7.57 21.61 -11.16
C CYS A 285 -7.50 20.13 -10.84
N ILE A 286 -6.73 19.78 -9.81
CA ILE A 286 -6.42 18.40 -9.50
C ILE A 286 -7.15 17.99 -8.23
N GLY A 287 -7.09 16.68 -7.95
CA GLY A 287 -7.79 16.14 -6.81
C GLY A 287 -9.29 16.12 -7.03
N GLY A 288 -10.06 15.64 -6.08
CA GLY A 288 -11.50 15.73 -6.21
C GLY A 288 -12.19 14.68 -5.37
N ALA A 289 -13.50 14.57 -5.58
CA ALA A 289 -14.29 13.54 -4.95
C ALA A 289 -14.37 12.31 -5.84
N GLY A 290 -15.25 11.40 -5.50
CA GLY A 290 -15.37 10.16 -6.24
C GLY A 290 -16.38 10.13 -7.35
N TYR A 291 -16.89 11.28 -7.79
CA TYR A 291 -17.91 11.28 -8.84
C TYR A 291 -17.87 12.57 -9.63
N VAL A 292 -17.78 12.44 -10.95
CA VAL A 292 -17.98 13.56 -11.87
C VAL A 292 -18.89 13.08 -13.00
N PRO A 293 -19.98 13.75 -13.27
CA PRO A 293 -21.01 13.18 -14.14
C PRO A 293 -20.85 13.50 -15.62
N GLU A 294 -20.09 14.53 -15.98
CA GLU A 294 -19.98 14.88 -17.38
C GLU A 294 -19.10 13.86 -18.10
N GLN A 295 -19.69 13.11 -19.02
CA GLN A 295 -18.96 12.10 -19.79
C GLN A 295 -18.25 11.12 -18.88
N THR A 296 -18.93 10.70 -17.82
CA THR A 296 -18.36 9.78 -16.85
C THR A 296 -17.88 8.51 -17.53
N PRO A 297 -16.69 8.00 -17.19
CA PRO A 297 -15.81 8.62 -16.20
C PRO A 297 -14.60 9.30 -16.82
N ARG A 298 -14.79 9.99 -17.95
CA ARG A 298 -13.65 10.57 -18.63
C ARG A 298 -13.01 11.71 -17.86
N GLN A 299 -13.58 12.10 -16.72
CA GLN A 299 -13.05 13.18 -15.92
C GLN A 299 -12.68 12.75 -14.51
N CYS A 300 -12.38 11.47 -14.32
CA CYS A 300 -11.96 10.92 -13.03
C CYS A 300 -10.45 10.80 -12.97
N GLY A 301 -9.88 10.97 -11.79
CA GLY A 301 -8.48 10.69 -11.57
C GLY A 301 -7.81 11.80 -10.77
N ASP A 302 -6.58 11.54 -10.35
CA ASP A 302 -5.78 12.56 -9.67
C ASP A 302 -5.67 13.81 -10.51
N PHE A 303 -5.30 13.66 -11.78
CA PHE A 303 -5.32 14.74 -12.75
C PHE A 303 -6.58 14.70 -13.61
N SER A 304 -7.67 15.28 -13.12
CA SER A 304 -9.04 14.95 -13.53
C SER A 304 -9.17 14.84 -15.04
N ALA A 305 -9.00 15.92 -15.81
CA ALA A 305 -9.30 15.88 -17.23
C ALA A 305 -8.20 16.49 -18.09
N PHE A 306 -6.94 16.36 -17.67
CA PHE A 306 -5.85 16.97 -18.41
C PHE A 306 -5.60 16.31 -19.76
N ASP A 307 -6.40 15.32 -20.12
CA ASP A 307 -6.24 14.61 -21.39
C ASP A 307 -7.51 14.65 -22.22
N TRP A 308 -8.34 15.67 -22.04
CA TRP A 308 -9.64 15.71 -22.70
C TRP A 308 -9.51 15.57 -24.20
N SER A 309 -8.53 16.25 -24.80
CA SER A 309 -8.33 16.24 -26.24
C SER A 309 -7.01 15.59 -26.64
N GLY A 310 -6.58 14.57 -25.93
CA GLY A 310 -5.34 13.92 -26.28
C GLY A 310 -4.24 14.24 -25.28
N ILE A 311 -3.37 13.27 -25.04
CA ILE A 311 -2.36 13.38 -24.00
C ILE A 311 -1.21 14.27 -24.45
N GLY A 312 -0.88 15.27 -23.64
CA GLY A 312 0.26 16.12 -23.89
C GLY A 312 0.26 16.85 -25.20
N THR A 313 -0.80 16.71 -26.00
CA THR A 313 -0.81 17.34 -27.32
C THR A 313 -0.99 18.84 -27.25
N HIS A 314 -1.28 19.37 -26.07
CA HIS A 314 -1.33 20.82 -25.83
C HIS A 314 -2.27 21.51 -26.81
N VAL A 315 -3.52 21.06 -26.86
CA VAL A 315 -4.54 21.67 -27.70
C VAL A 315 -5.66 22.13 -26.77
N GLU A 316 -6.72 22.64 -27.38
CA GLU A 316 -7.73 23.47 -26.71
C GLU A 316 -8.01 23.05 -25.26
N TRP A 317 -8.15 21.75 -25.02
CA TRP A 317 -8.47 21.26 -23.68
C TRP A 317 -7.41 20.34 -23.12
N SER A 318 -6.23 20.28 -23.72
CA SER A 318 -5.20 19.36 -23.29
C SER A 318 -4.00 20.09 -22.70
N ALA A 319 -3.58 19.66 -21.52
CA ALA A 319 -2.42 20.25 -20.88
C ALA A 319 -1.15 19.89 -21.65
N SER A 320 -0.12 20.68 -21.45
CA SER A 320 1.17 20.38 -22.05
C SER A 320 1.74 19.10 -21.44
N LYS A 321 2.51 18.38 -22.26
CA LYS A 321 3.12 17.13 -21.78
C LYS A 321 3.99 17.37 -20.56
N SER A 322 4.61 18.54 -20.48
CA SER A 322 5.47 18.84 -19.34
C SER A 322 4.69 18.83 -18.04
N LEU A 323 3.39 19.05 -18.11
CA LEU A 323 2.60 19.08 -16.89
C LEU A 323 1.94 17.74 -16.63
N LEU A 324 1.67 16.97 -17.68
CA LEU A 324 1.14 15.62 -17.48
C LEU A 324 2.12 14.73 -16.74
N GLU A 325 3.42 14.98 -16.83
CA GLU A 325 4.35 14.14 -16.10
C GLU A 325 4.88 14.82 -14.84
N ALA A 326 4.08 15.67 -14.19
CA ALA A 326 4.59 16.49 -13.10
C ALA A 326 3.90 16.17 -11.79
N ALA A 327 4.65 15.60 -10.86
CA ALA A 327 4.16 15.43 -9.51
C ALA A 327 4.13 16.78 -8.82
N VAL A 328 3.06 17.03 -8.08
CA VAL A 328 2.81 18.31 -7.46
C VAL A 328 3.17 18.19 -5.98
N PHE A 329 4.30 18.74 -5.59
CA PHE A 329 4.77 18.68 -4.23
C PHE A 329 4.17 19.82 -3.44
N ILE A 330 3.72 19.53 -2.23
CA ILE A 330 3.11 20.51 -1.34
C ILE A 330 3.96 20.62 -0.08
N PHE A 331 4.32 21.84 0.28
CA PHE A 331 5.12 22.12 1.46
C PHE A 331 4.33 23.01 2.40
N TYR A 332 4.56 22.82 3.69
CA TYR A 332 3.98 23.63 4.75
C TYR A 332 5.03 24.55 5.31
N ARG A 333 4.59 25.70 5.83
CA ARG A 333 5.41 26.47 6.76
C ARG A 333 4.53 27.20 7.75
N ARG B 55 10.36 -5.82 23.39
CA ARG B 55 9.65 -6.64 22.40
C ARG B 55 8.15 -6.43 22.48
N SER B 56 7.69 -5.85 23.58
CA SER B 56 6.28 -5.55 23.76
C SER B 56 6.14 -4.41 24.75
N CYS B 57 4.90 -4.00 24.98
CA CYS B 57 4.66 -2.96 25.97
C CYS B 57 4.58 -3.54 27.37
N LYS B 58 4.35 -4.85 27.48
CA LYS B 58 4.25 -5.47 28.80
C LYS B 58 5.56 -5.33 29.57
N GLU B 59 6.69 -5.64 28.93
CA GLU B 59 7.96 -5.50 29.63
C GLU B 59 8.30 -4.04 29.87
N ILE B 60 7.88 -3.15 28.98
CA ILE B 60 8.09 -1.72 29.21
C ILE B 60 7.37 -1.29 30.48
N LYS B 61 6.14 -1.78 30.67
CA LYS B 61 5.43 -1.50 31.91
C LYS B 61 6.13 -2.16 33.10
N LEU B 62 6.73 -3.33 32.87
CA LEU B 62 7.34 -4.07 33.98
C LEU B 62 8.58 -3.37 34.51
N LYS B 63 9.59 -3.16 33.67
CA LYS B 63 10.79 -2.52 34.20
C LYS B 63 10.52 -1.08 34.61
N THR B 64 9.77 -0.35 33.79
CA THR B 64 9.56 1.09 33.98
C THR B 64 8.11 1.30 34.36
N LYS B 65 7.85 1.57 35.65
CA LYS B 65 6.48 1.48 36.16
C LYS B 65 5.57 2.56 35.61
N THR B 66 5.88 3.82 35.87
CA THR B 66 4.93 4.93 35.81
C THR B 66 4.57 5.31 34.38
N LYS B 67 4.94 4.49 33.41
CA LYS B 67 4.73 4.87 32.02
C LYS B 67 3.25 4.87 31.69
N GLU B 68 2.87 5.71 30.73
CA GLU B 68 1.47 5.94 30.41
C GLU B 68 1.19 5.60 28.95
N ASP B 69 -0.01 5.94 28.50
CA ASP B 69 -0.39 5.67 27.12
C ASP B 69 0.51 6.45 26.17
N GLY B 70 0.77 5.87 25.01
CA GLY B 70 1.51 6.59 23.99
C GLY B 70 2.29 5.64 23.13
N VAL B 71 2.92 6.19 22.11
CA VAL B 71 3.69 5.40 21.15
C VAL B 71 5.06 5.11 21.75
N TYR B 72 5.53 3.88 21.57
CA TYR B 72 6.84 3.47 22.03
C TYR B 72 7.54 2.70 20.92
N CYS B 73 8.86 2.60 21.04
CA CYS B 73 9.67 1.88 20.08
C CYS B 73 9.83 0.44 20.52
N LEU B 74 9.59 -0.49 19.61
CA LEU B 74 9.73 -1.91 19.87
C LEU B 74 10.52 -2.54 18.74
N GLN B 75 10.93 -3.79 18.94
CA GLN B 75 11.61 -4.52 17.90
C GLN B 75 11.21 -5.99 17.97
N THR B 76 11.05 -6.60 16.81
CA THR B 76 10.85 -8.04 16.76
C THR B 76 12.12 -8.74 17.22
N LYS B 77 12.01 -10.00 17.61
CA LYS B 77 13.21 -10.69 18.07
C LYS B 77 14.20 -10.93 16.94
N SER B 78 13.73 -10.86 15.70
CA SER B 78 14.64 -10.87 14.55
C SER B 78 15.31 -9.54 14.36
N GLY B 79 14.77 -8.48 14.94
CA GLY B 79 15.53 -7.26 15.14
C GLY B 79 15.03 -6.03 14.44
N GLN B 80 13.98 -6.11 13.62
CA GLN B 80 13.54 -4.92 12.90
C GLN B 80 12.73 -4.05 13.84
N PHE B 81 12.92 -2.75 13.72
CA PHE B 81 12.29 -1.79 14.62
C PHE B 81 10.93 -1.40 14.10
N TYR B 82 10.06 -1.00 15.02
CA TYR B 82 8.78 -0.41 14.67
C TYR B 82 8.26 0.35 15.87
N GLN B 83 7.15 1.03 15.68
CA GLN B 83 6.53 1.80 16.75
C GLN B 83 5.12 1.27 17.00
N ALA B 84 4.76 1.18 18.26
CA ALA B 84 3.46 0.63 18.62
C ALA B 84 2.85 1.49 19.72
N PHE B 85 1.53 1.54 19.71
CA PHE B 85 0.79 2.33 20.70
C PHE B 85 0.53 1.50 21.93
N CYS B 86 1.27 1.77 23.00
CA CYS B 86 1.14 1.06 24.27
C CYS B 86 0.09 1.75 25.13
N ASP B 87 -0.86 0.96 25.60
CA ASP B 87 -1.81 1.39 26.62
C ASP B 87 -1.31 0.88 27.97
N MET B 88 -1.31 1.75 28.98
CA MET B 88 -0.67 1.43 30.25
C MET B 88 -1.58 1.64 31.46
N ASN B 89 -2.87 1.82 31.25
CA ASN B 89 -3.79 2.08 32.35
C ASN B 89 -4.85 1.00 32.51
N THR B 90 -5.15 0.29 31.44
CA THR B 90 -6.16 -0.75 31.49
C THR B 90 -5.69 -1.94 32.29
N ASN B 91 -6.27 -2.11 33.48
CA ASN B 91 -6.08 -3.32 34.27
C ASN B 91 -4.60 -3.65 34.42
N GLY B 92 -3.86 -2.73 35.04
CA GLY B 92 -2.42 -2.86 35.12
C GLY B 92 -1.69 -2.49 33.85
N GLY B 93 -2.40 -2.24 32.75
CA GLY B 93 -1.77 -1.79 31.53
C GLY B 93 -0.87 -2.83 30.91
N GLY B 94 -0.13 -2.38 29.90
CA GLY B 94 0.79 -3.25 29.18
C GLY B 94 0.25 -3.83 27.90
N TRP B 95 -0.84 -3.30 27.37
CA TRP B 95 -1.45 -3.82 26.16
C TRP B 95 -0.80 -3.16 24.95
N THR B 96 -0.40 -3.97 23.99
CA THR B 96 0.20 -3.47 22.76
C THR B 96 -0.85 -3.49 21.66
N LEU B 97 -1.01 -2.36 20.96
CA LEU B 97 -1.91 -2.34 19.81
C LEU B 97 -1.25 -3.06 18.64
N VAL B 98 -1.90 -4.11 18.14
CA VAL B 98 -1.30 -4.93 17.10
C VAL B 98 -2.09 -4.95 15.80
N ALA B 99 -3.37 -4.57 15.80
CA ALA B 99 -4.14 -4.66 14.59
C ALA B 99 -5.29 -3.68 14.67
N SER B 100 -5.98 -3.52 13.54
CA SER B 100 -7.14 -2.66 13.45
C SER B 100 -7.93 -3.05 12.21
N VAL B 101 -9.20 -3.35 12.37
CA VAL B 101 -10.05 -3.78 11.28
C VAL B 101 -10.95 -2.62 10.90
N HIS B 102 -10.48 -1.78 9.99
CA HIS B 102 -11.21 -0.59 9.57
C HIS B 102 -12.02 -0.92 8.33
N GLU B 103 -13.20 -0.34 8.23
CA GLU B 103 -14.03 -0.49 7.05
C GLU B 103 -14.15 0.86 6.39
N ASN B 104 -13.56 1.00 5.21
CA ASN B 104 -13.60 2.24 4.46
C ASN B 104 -14.86 2.37 3.61
N ASN B 105 -15.46 1.26 3.19
CA ASN B 105 -16.63 1.33 2.34
C ASN B 105 -17.49 0.08 2.45
N ILE B 106 -18.62 0.20 3.15
CA ILE B 106 -19.49 -0.95 3.36
C ILE B 106 -20.16 -1.38 2.06
N ALA B 107 -20.24 -0.48 1.09
CA ALA B 107 -20.84 -0.83 -0.19
C ALA B 107 -19.87 -1.55 -1.12
N ALA B 108 -18.57 -1.48 -0.87
CA ALA B 108 -17.59 -2.17 -1.69
C ALA B 108 -17.40 -3.59 -1.18
N LYS B 109 -17.95 -4.54 -1.92
CA LYS B 109 -17.99 -5.94 -1.52
C LYS B 109 -16.68 -6.61 -1.98
N CYS B 110 -15.76 -6.79 -1.03
CA CYS B 110 -14.45 -7.36 -1.32
C CYS B 110 -13.77 -6.60 -2.47
N ALA B 111 -13.45 -5.35 -2.19
CA ALA B 111 -12.78 -4.44 -3.10
C ALA B 111 -11.57 -3.84 -2.41
N ILE B 112 -10.99 -2.82 -3.03
CA ILE B 112 -9.80 -2.18 -2.46
C ILE B 112 -10.12 -1.68 -1.06
N GLY B 113 -9.26 -2.02 -0.11
CA GLY B 113 -9.43 -1.60 1.26
C GLY B 113 -9.99 -2.66 2.18
N ASP B 114 -10.58 -3.73 1.64
CA ASP B 114 -11.04 -4.83 2.45
C ASP B 114 -9.90 -5.83 2.61
N ARG B 115 -8.83 -5.37 3.26
CA ARG B 115 -7.62 -6.18 3.41
C ARG B 115 -7.82 -7.39 4.31
N TRP B 116 -8.84 -7.39 5.15
CA TRP B 116 -9.01 -8.47 6.11
C TRP B 116 -9.88 -9.61 5.58
N SER B 117 -10.66 -9.38 4.52
CA SER B 117 -11.51 -10.43 4.00
C SER B 117 -11.05 -10.81 2.62
N SER B 118 -11.03 -9.89 1.66
CA SER B 118 -10.58 -10.16 0.30
C SER B 118 -10.57 -8.86 -0.46
N GLN B 119 -9.68 -8.77 -1.45
CA GLN B 119 -9.56 -7.57 -2.26
C GLN B 119 -9.85 -7.85 -3.73
N LEU B 120 -10.06 -9.10 -4.11
CA LEU B 120 -10.27 -9.46 -5.50
C LEU B 120 -11.68 -10.01 -5.75
N GLY B 121 -12.60 -9.80 -4.83
CA GLY B 121 -13.96 -10.28 -5.01
C GLY B 121 -14.21 -11.57 -4.27
N SER B 122 -15.43 -12.08 -4.41
CA SER B 122 -15.84 -13.34 -3.78
C SER B 122 -15.86 -14.43 -4.85
N ASN B 123 -14.73 -15.10 -5.00
CA ASN B 123 -14.58 -16.07 -6.06
C ASN B 123 -14.35 -17.44 -5.44
N PRO B 124 -15.13 -18.45 -5.81
CA PRO B 124 -14.91 -19.80 -5.28
C PRO B 124 -13.82 -20.59 -5.98
N ALA B 125 -13.05 -19.97 -6.86
CA ALA B 125 -11.95 -20.67 -7.52
C ALA B 125 -10.88 -21.07 -6.51
N VAL B 126 -10.10 -22.10 -6.85
CA VAL B 126 -9.16 -22.71 -5.91
C VAL B 126 -8.14 -21.70 -5.41
N GLY B 127 -7.81 -20.71 -6.24
CA GLY B 127 -6.85 -19.69 -5.82
C GLY B 127 -7.46 -18.50 -5.13
N PHE B 128 -8.76 -18.54 -4.87
CA PHE B 128 -9.49 -17.38 -4.37
C PHE B 128 -10.16 -17.61 -3.02
N VAL B 129 -10.38 -18.87 -2.64
CA VAL B 129 -11.24 -19.13 -1.49
C VAL B 129 -10.51 -18.83 -0.20
N ASP B 130 -9.21 -18.58 -0.27
CA ASP B 130 -8.43 -18.29 0.93
C ASP B 130 -8.29 -16.81 1.21
N GLY B 131 -8.86 -15.95 0.37
CA GLY B 131 -8.80 -14.51 0.63
C GLY B 131 -7.39 -13.99 0.57
N ASP B 132 -7.07 -13.06 1.47
CA ASP B 132 -5.73 -12.53 1.57
C ASP B 132 -4.94 -13.16 2.71
N ARG B 133 -5.58 -13.96 3.55
CA ARG B 133 -4.94 -14.60 4.69
C ARG B 133 -4.35 -13.60 5.66
N SER B 134 -4.78 -12.34 5.59
CA SER B 134 -4.20 -11.31 6.45
C SER B 134 -4.35 -11.64 7.92
N TRP B 135 -5.25 -12.55 8.26
CA TRP B 135 -5.34 -13.04 9.63
C TRP B 135 -4.24 -14.04 9.96
N ALA B 136 -3.67 -14.70 8.95
CA ALA B 136 -2.71 -15.77 9.20
C ALA B 136 -1.52 -15.67 8.24
N ASN B 137 -0.98 -14.47 8.06
CA ASN B 137 0.26 -14.33 7.29
C ASN B 137 1.08 -13.18 7.87
N LEU B 138 2.31 -13.08 7.42
CA LEU B 138 3.24 -12.09 7.94
C LEU B 138 3.09 -10.74 7.27
N ASN B 139 2.10 -10.55 6.41
CA ASN B 139 1.93 -9.28 5.73
C ASN B 139 1.54 -8.20 6.74
N THR B 140 2.17 -7.04 6.62
CA THR B 140 1.88 -5.92 7.50
C THR B 140 1.60 -4.69 6.64
N PHE B 141 0.77 -3.79 7.17
CA PHE B 141 0.36 -2.65 6.38
C PHE B 141 -0.06 -1.52 7.31
N GLY B 142 -0.23 -0.33 6.74
CA GLY B 142 -0.66 0.83 7.48
C GLY B 142 0.35 1.29 8.51
N ARG B 143 0.06 2.44 9.10
CA ARG B 143 0.87 3.00 10.17
C ARG B 143 -0.02 3.32 11.36
N VAL B 144 0.61 3.83 12.42
CA VAL B 144 -0.08 3.92 13.70
C VAL B 144 -1.19 4.96 13.65
N GLU B 145 -0.83 6.23 13.46
CA GLU B 145 -1.80 7.30 13.61
C GLU B 145 -2.88 7.29 12.53
N SER B 146 -2.78 6.41 11.55
CA SER B 146 -3.83 6.23 10.58
C SER B 146 -4.67 4.99 10.87
N ALA B 147 -4.50 4.38 12.03
CA ALA B 147 -5.22 3.16 12.37
C ALA B 147 -6.72 3.38 12.48
N THR B 148 -7.18 4.63 12.49
CA THR B 148 -8.59 4.93 12.59
C THR B 148 -9.16 5.43 11.27
N ASP B 149 -8.37 5.44 10.20
CA ASP B 149 -8.87 5.78 8.89
C ASP B 149 -8.64 4.71 7.85
N ASP B 150 -7.78 3.72 8.11
CA ASP B 150 -7.67 2.57 7.23
C ASP B 150 -7.00 1.46 8.03
N ASP B 151 -7.16 0.23 7.54
CA ASP B 151 -6.65 -0.96 8.22
C ASP B 151 -5.21 -0.77 8.66
N TYR B 152 -4.83 -1.49 9.70
CA TYR B 152 -3.51 -1.37 10.29
C TYR B 152 -3.11 -2.71 10.89
N LYS B 153 -1.84 -3.06 10.76
CA LYS B 153 -1.33 -4.32 11.29
C LYS B 153 0.19 -4.25 11.32
N ASN B 154 0.76 -4.51 12.49
CA ASN B 154 2.20 -4.37 12.65
C ASN B 154 2.80 -5.71 13.04
N PRO B 155 4.14 -5.87 12.97
CA PRO B 155 4.73 -7.17 13.30
C PRO B 155 4.28 -7.75 14.62
N GLY B 156 4.04 -6.91 15.62
CA GLY B 156 3.57 -7.41 16.89
C GLY B 156 2.35 -8.30 16.82
N TYR B 157 1.68 -8.33 15.67
CA TYR B 157 0.55 -9.23 15.50
C TYR B 157 0.97 -10.68 15.63
N PHE B 158 2.07 -11.06 14.99
CA PHE B 158 2.48 -12.45 14.97
C PHE B 158 3.70 -12.75 15.81
N ASP B 159 4.55 -11.76 16.06
CA ASP B 159 5.75 -12.01 16.85
C ASP B 159 5.43 -12.09 18.34
N VAL B 160 4.89 -11.00 18.89
CA VAL B 160 4.67 -10.91 20.33
C VAL B 160 3.80 -12.06 20.80
N ASP B 161 4.28 -12.76 21.83
CA ASP B 161 3.46 -13.76 22.52
C ASP B 161 2.62 -13.05 23.56
N ALA B 162 1.42 -13.55 23.79
CA ALA B 162 0.51 -12.85 24.67
C ALA B 162 -0.38 -13.85 25.38
N GLU B 163 -1.05 -13.37 26.43
CA GLU B 163 -2.01 -14.15 27.19
C GLU B 163 -3.45 -13.78 26.87
N ASP B 164 -3.75 -12.49 26.78
CA ASP B 164 -5.11 -12.02 26.56
C ASP B 164 -5.12 -10.98 25.44
N ILE B 165 -6.32 -10.75 24.91
CA ILE B 165 -6.54 -9.73 23.90
C ILE B 165 -7.54 -8.73 24.46
N SER B 166 -7.35 -7.47 24.09
CA SER B 166 -8.29 -6.40 24.41
C SER B 166 -8.84 -5.86 23.11
N VAL B 167 -10.08 -5.39 23.13
CA VAL B 167 -10.74 -4.90 21.94
C VAL B 167 -11.37 -3.55 22.23
N TRP B 168 -11.12 -2.60 21.34
CA TRP B 168 -11.72 -1.28 21.39
C TRP B 168 -12.50 -1.03 20.11
N HIS B 169 -13.55 -0.23 20.22
CA HIS B 169 -14.27 0.28 19.05
C HIS B 169 -14.10 1.78 19.03
N VAL B 170 -13.37 2.30 18.05
CA VAL B 170 -13.07 3.71 17.98
C VAL B 170 -13.73 4.28 16.73
N PRO B 171 -14.46 5.39 16.82
CA PRO B 171 -15.09 5.96 15.64
C PRO B 171 -14.07 6.45 14.62
N ASN B 172 -14.34 6.23 13.34
CA ASN B 172 -13.40 6.60 12.29
C ASN B 172 -13.10 8.09 12.32
N GLY B 173 -11.88 8.44 11.91
CA GLY B 173 -11.45 9.82 11.90
C GLY B 173 -10.97 10.34 13.23
N THR B 174 -10.98 9.52 14.26
CA THR B 174 -10.57 9.99 15.58
C THR B 174 -9.06 10.07 15.66
N PRO B 175 -8.50 11.25 15.95
CA PRO B 175 -7.06 11.34 16.18
C PRO B 175 -6.64 10.50 17.38
N LEU B 176 -5.34 10.29 17.50
CA LEU B 176 -4.82 9.39 18.53
C LEU B 176 -5.21 9.84 19.93
N ALA B 177 -5.09 11.13 20.21
CA ALA B 177 -5.28 11.61 21.57
C ALA B 177 -6.69 11.38 22.10
N GLN B 178 -7.66 11.09 21.23
CA GLN B 178 -9.01 10.82 21.64
C GLN B 178 -9.34 9.35 21.77
N TRP B 179 -8.45 8.46 21.28
CA TRP B 179 -8.83 7.07 21.06
C TRP B 179 -9.50 6.45 22.28
N LYS B 180 -8.93 6.64 23.46
CA LYS B 180 -9.49 5.96 24.63
C LYS B 180 -10.82 6.58 25.04
N ILE B 181 -10.93 7.92 24.98
CA ILE B 181 -12.12 8.56 25.53
C ILE B 181 -13.26 8.59 24.51
N SER B 182 -12.94 8.57 23.23
CA SER B 182 -13.96 8.56 22.18
C SER B 182 -14.44 7.16 21.85
N SER B 183 -13.73 6.13 22.30
CA SER B 183 -14.15 4.77 22.03
C SER B 183 -15.52 4.52 22.65
N ILE B 184 -16.30 3.66 21.99
CA ILE B 184 -17.63 3.34 22.50
C ILE B 184 -17.65 2.03 23.26
N PHE B 185 -16.84 1.05 22.87
CA PHE B 185 -16.75 -0.23 23.56
C PHE B 185 -15.30 -0.54 23.85
N ARG B 186 -15.05 -1.02 25.05
CA ARG B 186 -13.72 -1.48 25.42
C ARG B 186 -13.87 -2.69 26.33
N TYR B 187 -13.23 -3.79 25.96
CA TYR B 187 -13.26 -4.94 26.84
C TYR B 187 -11.95 -5.71 26.68
N HIS B 188 -11.78 -6.72 27.52
CA HIS B 188 -10.61 -7.58 27.41
C HIS B 188 -10.88 -8.89 28.11
N THR B 189 -10.23 -9.93 27.65
CA THR B 189 -10.36 -11.23 28.28
C THR B 189 -9.42 -11.34 29.46
N ALA B 190 -9.71 -12.29 30.35
CA ALA B 190 -8.88 -12.50 31.53
C ALA B 190 -8.66 -13.98 31.80
N THR B 191 -8.60 -14.79 30.75
CA THR B 191 -8.50 -16.23 30.90
C THR B 191 -7.20 -16.81 30.37
N GLU B 192 -6.28 -15.98 29.88
CA GLU B 192 -4.96 -16.45 29.45
C GLU B 192 -5.07 -17.60 28.47
N PHE B 193 -5.99 -17.46 27.52
CA PHE B 193 -6.31 -18.56 26.61
C PHE B 193 -5.38 -18.61 25.41
N LEU B 194 -4.47 -17.66 25.28
CA LEU B 194 -3.64 -17.62 24.08
C LEU B 194 -2.45 -18.55 24.18
N THR B 195 -2.03 -18.90 25.40
CA THR B 195 -0.85 -19.75 25.53
C THR B 195 -1.08 -21.15 24.96
N PRO B 196 -2.19 -21.83 25.23
CA PRO B 196 -2.40 -23.13 24.58
C PRO B 196 -2.57 -23.04 23.08
N LEU B 197 -2.79 -21.85 22.54
CA LEU B 197 -3.08 -21.67 21.13
C LEU B 197 -1.89 -21.13 20.35
N GLY B 198 -0.73 -21.01 20.97
CA GLY B 198 0.44 -20.55 20.28
C GLY B 198 0.94 -19.18 20.68
N GLY B 199 0.16 -18.43 21.44
CA GLY B 199 0.61 -17.16 21.97
C GLY B 199 0.06 -15.94 21.28
N ASN B 200 -0.46 -16.07 20.07
CA ASN B 200 -1.01 -14.93 19.37
C ASN B 200 -2.02 -15.43 18.35
N LEU B 201 -2.68 -14.48 17.68
CA LEU B 201 -3.75 -14.84 16.76
C LEU B 201 -3.20 -15.51 15.51
N TYR B 202 -1.96 -15.21 15.14
CA TYR B 202 -1.35 -15.87 13.99
C TYR B 202 -1.27 -17.37 14.21
N PHE B 203 -0.71 -17.78 15.34
CA PHE B 203 -0.68 -19.20 15.63
C PHE B 203 -2.06 -19.73 15.97
N LEU B 204 -2.96 -18.84 16.40
CA LEU B 204 -4.32 -19.28 16.66
C LEU B 204 -5.03 -19.65 15.36
N TYR B 205 -4.61 -19.06 14.26
CA TYR B 205 -5.13 -19.41 12.97
C TYR B 205 -4.21 -20.36 12.20
N LYS B 206 -3.15 -20.83 12.84
CA LYS B 206 -2.50 -22.07 12.40
C LYS B 206 -3.07 -23.29 13.11
N ILE B 207 -3.26 -23.21 14.44
CA ILE B 207 -4.17 -24.08 15.17
C ILE B 207 -5.59 -23.75 14.75
N PHE B 208 -6.59 -24.46 15.26
CA PHE B 208 -7.92 -24.38 14.65
C PHE B 208 -8.51 -22.98 14.79
N TYR B 209 -8.30 -22.20 13.74
CA TYR B 209 -8.60 -22.64 12.40
C TYR B 209 -7.67 -21.94 11.43
N PRO B 210 -7.14 -22.64 10.46
CA PRO B 210 -6.98 -22.03 9.14
C PRO B 210 -8.29 -21.54 8.58
N LEU B 211 -8.46 -20.24 8.40
CA LEU B 211 -9.75 -19.69 7.99
C LEU B 211 -10.07 -20.05 6.56
N VAL B 212 -10.55 -21.27 6.34
CA VAL B 212 -10.79 -21.80 5.00
C VAL B 212 -12.28 -22.03 4.82
N TYR B 213 -12.79 -21.67 3.66
CA TYR B 213 -14.22 -21.83 3.42
C TYR B 213 -14.57 -23.29 3.23
N GLY B 214 -15.71 -23.69 3.76
CA GLY B 214 -16.26 -24.99 3.50
C GLY B 214 -15.79 -26.11 4.41
N SER B 215 -14.64 -25.95 5.08
CA SER B 215 -14.10 -27.06 5.84
C SER B 215 -14.63 -27.10 7.26
N GLY B 216 -15.84 -26.62 7.49
CA GLY B 216 -16.47 -26.73 8.78
C GLY B 216 -17.98 -26.59 8.67
N THR B 217 -18.61 -26.33 9.81
CA THR B 217 -20.03 -26.04 9.88
C THR B 217 -20.30 -25.23 11.15
N CYS B 218 -21.49 -24.68 11.25
CA CYS B 218 -21.87 -23.86 12.40
C CYS B 218 -22.02 -24.78 13.61
N PRO B 219 -22.48 -24.30 14.77
CA PRO B 219 -21.74 -24.52 16.03
C PRO B 219 -20.98 -25.82 16.19
N ALA B 220 -21.41 -26.90 15.55
CA ALA B 220 -20.69 -28.17 15.68
C ALA B 220 -19.19 -28.01 15.49
N SER B 221 -18.76 -27.04 14.67
CA SER B 221 -17.35 -26.83 14.38
C SER B 221 -16.90 -25.40 14.66
N ASN B 222 -17.54 -24.71 15.58
CA ASN B 222 -17.19 -23.33 15.87
C ASN B 222 -15.89 -23.27 16.67
N GLY B 223 -15.37 -22.06 16.84
CA GLY B 223 -14.13 -21.86 17.55
C GLY B 223 -14.36 -21.62 19.03
N PRO B 224 -13.36 -21.06 19.70
CA PRO B 224 -13.48 -20.82 21.14
C PRO B 224 -14.42 -19.67 21.44
N ALA B 225 -14.99 -19.68 22.63
CA ALA B 225 -15.82 -18.60 23.15
C ALA B 225 -15.29 -18.20 24.52
N ILE B 226 -14.65 -17.04 24.59
CA ILE B 226 -13.94 -16.60 25.79
C ILE B 226 -14.81 -15.59 26.51
N PRO B 227 -15.00 -15.71 27.82
CA PRO B 227 -15.72 -14.67 28.56
C PRO B 227 -14.86 -13.43 28.70
N ILE B 228 -15.49 -12.28 28.60
CA ILE B 228 -14.77 -11.01 28.63
C ILE B 228 -15.23 -10.21 29.84
N VAL B 229 -14.40 -9.26 30.24
CA VAL B 229 -14.78 -8.28 31.23
C VAL B 229 -14.89 -6.94 30.55
N TYR B 230 -15.86 -6.15 30.98
CA TYR B 230 -16.20 -4.90 30.33
C TYR B 230 -15.35 -3.79 30.92
N ASP B 231 -14.67 -3.05 30.06
CA ASP B 231 -13.89 -1.91 30.49
C ASP B 231 -14.63 -0.61 30.27
N PHE B 232 -15.44 -0.54 29.22
CA PHE B 232 -16.31 0.59 28.95
C PHE B 232 -17.43 0.07 28.07
N GLY B 233 -18.65 0.35 28.47
CA GLY B 233 -19.79 -0.26 27.85
C GLY B 233 -20.36 -1.36 28.72
N ASN B 234 -21.56 -1.80 28.38
CA ASN B 234 -22.24 -2.82 29.17
C ASN B 234 -23.18 -3.59 28.25
N THR B 235 -23.66 -4.72 28.76
CA THR B 235 -24.43 -5.65 27.94
C THR B 235 -25.66 -4.98 27.35
N ILE B 236 -26.22 -3.98 28.02
CA ILE B 236 -27.31 -3.22 27.43
C ILE B 236 -26.83 -2.46 26.21
N SER B 237 -25.69 -1.77 26.34
CA SER B 237 -25.15 -1.07 25.19
C SER B 237 -24.78 -2.04 24.07
N VAL B 238 -24.19 -3.19 24.41
CA VAL B 238 -23.91 -4.22 23.42
C VAL B 238 -25.19 -4.57 22.67
N ALA B 239 -26.27 -4.82 23.41
CA ALA B 239 -27.54 -5.16 22.77
C ALA B 239 -28.09 -3.98 21.99
N SER B 240 -27.58 -2.79 22.24
CA SER B 240 -28.03 -1.60 21.53
C SER B 240 -27.25 -1.33 20.25
N GLN B 241 -26.07 -1.93 20.08
CA GLN B 241 -25.25 -1.66 18.91
C GLN B 241 -25.42 -2.68 17.80
N VAL B 242 -25.67 -3.94 18.13
CA VAL B 242 -25.84 -5.01 17.16
C VAL B 242 -27.26 -4.99 16.61
N CYS B 243 -27.54 -5.79 15.58
CA CYS B 243 -28.85 -5.75 14.97
C CYS B 243 -29.92 -6.15 15.98
N PRO B 244 -31.18 -5.84 15.70
CA PRO B 244 -32.27 -6.41 16.53
C PRO B 244 -32.35 -7.91 16.43
N ALA B 245 -32.39 -8.46 15.22
CA ALA B 245 -32.45 -9.91 15.07
C ALA B 245 -31.13 -10.56 15.45
N CYS B 246 -30.11 -9.75 15.76
CA CYS B 246 -28.86 -10.30 16.28
C CYS B 246 -29.10 -11.09 17.55
N LEU B 247 -29.66 -10.43 18.57
CA LEU B 247 -29.73 -10.99 19.92
C LEU B 247 -30.54 -12.26 19.97
N GLY B 248 -31.40 -12.49 18.99
CA GLY B 248 -32.18 -13.70 18.96
C GLY B 248 -31.37 -14.97 18.79
N GLY B 249 -30.07 -14.86 18.57
CA GLY B 249 -29.27 -16.07 18.40
C GLY B 249 -27.89 -15.98 18.99
N THR B 250 -27.69 -15.09 19.96
CA THR B 250 -26.38 -14.88 20.56
C THR B 250 -26.55 -14.64 22.05
N LEU B 251 -25.42 -14.48 22.72
CA LEU B 251 -25.40 -14.18 24.16
C LEU B 251 -24.28 -13.20 24.45
N GLN B 252 -24.60 -12.06 25.06
CA GLN B 252 -23.60 -11.03 25.28
C GLN B 252 -22.51 -11.52 26.20
N GLY B 253 -21.39 -10.81 26.21
CA GLY B 253 -20.36 -11.01 27.19
C GLY B 253 -19.26 -11.98 26.83
N TYR B 254 -19.17 -12.39 25.58
CA TYR B 254 -18.09 -13.27 25.14
C TYR B 254 -17.52 -12.77 23.84
N VAL B 255 -16.27 -13.11 23.60
CA VAL B 255 -15.64 -12.94 22.30
C VAL B 255 -15.51 -14.32 21.66
N HIS B 256 -15.84 -14.41 20.39
CA HIS B 256 -15.86 -15.69 19.69
C HIS B 256 -14.96 -15.60 18.47
N LEU B 257 -14.09 -16.60 18.32
CA LEU B 257 -13.10 -16.61 17.26
C LEU B 257 -13.37 -17.77 16.32
N ARG B 258 -13.36 -17.49 15.03
CA ARG B 258 -13.63 -18.50 14.00
C ARG B 258 -15.00 -19.13 14.19
N VAL B 259 -16.04 -18.38 13.93
CA VAL B 259 -17.38 -18.90 13.84
C VAL B 259 -17.60 -19.33 12.39
N PHE B 260 -18.50 -20.27 12.17
CA PHE B 260 -18.92 -20.64 10.83
C PHE B 260 -20.35 -20.14 10.61
N ASN B 261 -20.60 -19.54 9.44
CA ASN B 261 -21.94 -19.09 9.14
C ASN B 261 -22.77 -20.26 8.65
N ASN B 262 -24.01 -19.99 8.23
CA ASN B 262 -24.87 -21.07 7.78
C ASN B 262 -24.33 -21.71 6.51
N GLU B 263 -23.48 -20.98 5.77
CA GLU B 263 -22.98 -21.45 4.48
C GLU B 263 -21.62 -22.10 4.58
N ARG B 264 -21.18 -22.43 5.79
CA ARG B 264 -19.84 -22.95 6.07
C ARG B 264 -18.76 -21.91 5.81
N ALA B 265 -19.13 -20.67 5.59
CA ALA B 265 -18.05 -19.71 5.43
C ALA B 265 -17.56 -19.26 6.80
N PRO B 266 -16.25 -19.22 7.02
CA PRO B 266 -15.75 -18.89 8.36
C PRO B 266 -15.51 -17.40 8.54
N PHE B 267 -15.78 -16.91 9.73
CA PHE B 267 -15.58 -15.51 10.09
C PHE B 267 -14.65 -15.43 11.27
N ALA B 268 -13.74 -14.46 11.23
CA ALA B 268 -12.65 -14.44 12.19
C ALA B 268 -13.13 -14.17 13.60
N LEU B 269 -13.88 -13.09 13.79
CA LEU B 269 -14.10 -12.53 15.12
C LEU B 269 -15.54 -12.07 15.26
N CYS B 270 -16.15 -12.37 16.41
CA CYS B 270 -17.43 -11.79 16.80
C CYS B 270 -17.20 -11.02 18.09
N SER B 271 -17.13 -9.69 17.99
CA SER B 271 -16.79 -8.84 19.12
C SER B 271 -18.04 -8.60 19.96
N GLY B 272 -18.02 -9.08 21.21
CA GLY B 272 -19.02 -8.72 22.20
C GLY B 272 -20.00 -9.80 22.55
N LEU B 273 -20.13 -10.85 21.74
CA LEU B 273 -21.16 -11.85 21.97
C LEU B 273 -20.72 -13.22 21.47
N ARG B 274 -21.21 -14.25 22.15
CA ARG B 274 -20.97 -15.64 21.81
C ARG B 274 -22.12 -16.13 20.96
N VAL B 275 -21.80 -16.90 19.92
CA VAL B 275 -22.81 -17.35 18.99
C VAL B 275 -23.57 -18.54 19.56
N LEU B 276 -24.88 -18.49 19.47
CA LEU B 276 -25.75 -19.59 19.82
C LEU B 276 -26.02 -20.44 18.58
N ASP B 277 -27.08 -21.23 18.63
CA ASP B 277 -27.38 -22.16 17.54
C ASP B 277 -27.84 -21.42 16.29
N ASN B 278 -27.71 -20.10 16.27
CA ASN B 278 -28.07 -19.31 15.11
C ASN B 278 -26.90 -19.13 14.16
N CYS B 279 -26.99 -19.68 12.95
CA CYS B 279 -25.90 -19.70 11.99
C CYS B 279 -25.97 -18.54 11.01
N ASN B 280 -26.72 -17.48 11.35
CA ASN B 280 -26.76 -16.26 10.55
C ASN B 280 -25.71 -15.29 11.08
N THR B 281 -24.47 -15.77 11.10
CA THR B 281 -23.39 -15.03 11.73
C THR B 281 -22.76 -13.99 10.84
N GLU B 282 -23.17 -13.88 9.59
CA GLU B 282 -22.58 -12.89 8.70
C GLU B 282 -22.90 -11.47 9.16
N HIS B 283 -23.84 -11.30 10.08
CA HIS B 283 -24.33 -9.99 10.45
C HIS B 283 -23.72 -9.45 11.73
N TYR B 284 -22.94 -10.24 12.46
CA TYR B 284 -22.33 -9.70 13.67
C TYR B 284 -20.91 -10.19 13.88
N CYS B 285 -20.25 -10.68 12.84
CA CYS B 285 -18.87 -11.12 12.94
C CYS B 285 -18.07 -10.57 11.77
N ILE B 286 -16.84 -10.16 12.02
CA ILE B 286 -16.03 -9.44 11.06
C ILE B 286 -14.92 -10.35 10.55
N GLY B 287 -14.23 -9.87 9.52
CA GLY B 287 -13.17 -10.66 8.89
C GLY B 287 -13.74 -11.82 8.12
N GLY B 288 -12.89 -12.62 7.49
CA GLY B 288 -13.38 -13.81 6.84
C GLY B 288 -12.44 -14.26 5.74
N ALA B 289 -12.92 -15.23 4.97
CA ALA B 289 -12.19 -15.71 3.81
C ALA B 289 -12.65 -14.95 2.57
N GLY B 290 -12.25 -15.44 1.42
CA GLY B 290 -12.55 -14.76 0.17
C GLY B 290 -13.81 -15.21 -0.53
N TYR B 291 -14.71 -15.93 0.11
CA TYR B 291 -15.90 -16.40 -0.56
C TYR B 291 -17.04 -16.60 0.43
N VAL B 292 -18.19 -16.00 0.14
CA VAL B 292 -19.44 -16.28 0.84
C VAL B 292 -20.53 -16.44 -0.21
N PRO B 293 -21.26 -17.54 -0.22
CA PRO B 293 -22.12 -17.84 -1.36
C PRO B 293 -23.54 -17.31 -1.27
N GLU B 294 -24.02 -16.96 -0.08
CA GLU B 294 -25.39 -16.49 0.04
C GLU B 294 -25.50 -15.09 -0.52
N GLN B 295 -26.25 -14.94 -1.61
CA GLN B 295 -26.46 -13.63 -2.25
C GLN B 295 -25.13 -12.96 -2.57
N THR B 296 -24.19 -13.75 -3.08
CA THR B 296 -22.87 -13.25 -3.42
C THR B 296 -22.97 -12.08 -4.40
N PRO B 297 -22.21 -11.01 -4.18
CA PRO B 297 -21.29 -10.87 -3.05
C PRO B 297 -21.78 -9.93 -1.99
N ARG B 298 -23.08 -9.95 -1.68
CA ARG B 298 -23.62 -8.97 -0.75
C ARG B 298 -23.13 -9.20 0.67
N GLN B 299 -22.34 -10.24 0.92
CA GLN B 299 -21.83 -10.53 2.25
C GLN B 299 -20.31 -10.56 2.30
N CYS B 300 -19.65 -9.86 1.39
CA CYS B 300 -18.19 -9.75 1.35
C CYS B 300 -17.74 -8.45 2.00
N GLY B 301 -16.58 -8.48 2.61
CA GLY B 301 -15.94 -7.28 3.11
C GLY B 301 -15.41 -7.46 4.52
N ASP B 302 -14.64 -6.47 4.97
CA ASP B 302 -14.16 -6.47 6.34
C ASP B 302 -15.31 -6.58 7.32
N PHE B 303 -16.32 -5.75 7.17
CA PHE B 303 -17.56 -5.86 7.91
C PHE B 303 -18.63 -6.57 7.11
N SER B 304 -18.64 -7.91 7.15
CA SER B 304 -19.24 -8.77 6.14
C SER B 304 -20.63 -8.28 5.72
N ALA B 305 -21.63 -8.29 6.59
CA ALA B 305 -22.99 -8.02 6.16
C ALA B 305 -23.70 -7.03 7.07
N PHE B 306 -22.98 -6.09 7.65
CA PHE B 306 -23.60 -5.15 8.59
C PHE B 306 -24.55 -4.18 7.91
N ASP B 307 -24.76 -4.30 6.62
CA ASP B 307 -25.66 -3.42 5.87
C ASP B 307 -26.74 -4.20 5.14
N TRP B 308 -27.10 -5.38 5.64
CA TRP B 308 -28.03 -6.25 4.91
C TRP B 308 -29.33 -5.53 4.60
N SER B 309 -29.86 -4.78 5.57
CA SER B 309 -31.13 -4.08 5.41
C SER B 309 -30.97 -2.56 5.43
N GLY B 310 -29.88 -2.04 4.90
CA GLY B 310 -29.69 -0.60 4.89
C GLY B 310 -28.63 -0.18 5.87
N ILE B 311 -27.88 0.86 5.50
CA ILE B 311 -26.72 1.27 6.28
C ILE B 311 -27.13 2.04 7.53
N GLY B 312 -26.63 1.61 8.68
CA GLY B 312 -26.86 2.31 9.93
C GLY B 312 -28.30 2.49 10.33
N THR B 313 -29.25 1.95 9.55
CA THR B 313 -30.66 2.16 9.85
C THR B 313 -31.12 1.38 11.07
N HIS B 314 -30.28 0.49 11.58
CA HIS B 314 -30.53 -0.23 12.83
C HIS B 314 -31.88 -0.94 12.79
N VAL B 315 -32.09 -1.79 11.79
CA VAL B 315 -33.29 -2.60 11.66
C VAL B 315 -32.86 -4.05 11.65
N GLU B 316 -33.85 -4.93 11.47
CA GLU B 316 -33.73 -6.35 11.80
C GLU B 316 -32.35 -6.94 11.55
N TRP B 317 -31.74 -6.62 10.41
CA TRP B 317 -30.44 -7.17 10.07
C TRP B 317 -29.37 -6.11 9.90
N SER B 318 -29.61 -4.88 10.32
CA SER B 318 -28.67 -3.79 10.12
C SER B 318 -28.08 -3.31 11.43
N ALA B 319 -26.76 -3.21 11.47
CA ALA B 319 -26.08 -2.71 12.65
C ALA B 319 -26.37 -1.23 12.83
N SER B 320 -26.19 -0.76 14.05
CA SER B 320 -26.33 0.67 14.32
C SER B 320 -25.23 1.45 13.61
N LYS B 321 -25.55 2.68 13.24
CA LYS B 321 -24.57 3.52 12.55
C LYS B 321 -23.32 3.71 13.39
N SER B 322 -23.47 3.72 14.71
CA SER B 322 -22.32 3.90 15.58
C SER B 322 -21.31 2.78 15.41
N LEU B 323 -21.76 1.63 14.95
CA LEU B 323 -20.85 0.51 14.80
C LEU B 323 -20.33 0.41 13.37
N LEU B 324 -21.11 0.88 12.40
CA LEU B 324 -20.63 0.92 11.03
C LEU B 324 -19.42 1.84 10.87
N GLU B 325 -19.27 2.85 11.71
CA GLU B 325 -18.10 3.71 11.57
C GLU B 325 -17.05 3.42 12.64
N ALA B 326 -16.91 2.16 13.07
CA ALA B 326 -16.06 1.86 14.21
C ALA B 326 -14.92 0.94 13.83
N ALA B 327 -13.71 1.45 13.85
CA ALA B 327 -12.53 0.63 13.70
C ALA B 327 -12.35 -0.20 14.97
N VAL B 328 -12.01 -1.47 14.77
CA VAL B 328 -11.90 -2.43 15.85
C VAL B 328 -10.43 -2.61 16.17
N PHE B 329 -9.99 -2.03 17.27
CA PHE B 329 -8.60 -2.11 17.70
C PHE B 329 -8.39 -3.38 18.49
N ILE B 330 -7.29 -4.07 18.24
CA ILE B 330 -6.94 -5.30 18.92
C ILE B 330 -5.62 -5.09 19.65
N PHE B 331 -5.59 -5.42 20.93
CA PHE B 331 -4.41 -5.29 21.77
C PHE B 331 -4.03 -6.66 22.30
N TYR B 332 -2.73 -6.86 22.47
CA TYR B 332 -2.16 -8.06 23.06
C TYR B 332 -1.69 -7.77 24.47
N ARG B 333 -1.69 -8.78 25.31
CA ARG B 333 -0.88 -8.75 26.53
C ARG B 333 -0.42 -10.15 26.89
N ARG C 55 25.83 2.11 3.82
CA ARG C 55 25.01 2.24 2.63
C ARG C 55 24.63 0.88 2.06
N SER C 56 25.32 -0.16 2.51
CA SER C 56 25.04 -1.52 2.08
C SER C 56 25.53 -2.48 3.14
N CYS C 57 25.29 -3.76 2.91
CA CYS C 57 25.80 -4.77 3.83
C CYS C 57 27.24 -5.13 3.50
N LYS C 58 27.70 -4.82 2.30
CA LYS C 58 29.07 -5.14 1.93
C LYS C 58 30.07 -4.42 2.82
N GLU C 59 29.87 -3.11 3.02
CA GLU C 59 30.79 -2.38 3.88
C GLU C 59 30.65 -2.80 5.34
N ILE C 60 29.43 -3.17 5.75
CA ILE C 60 29.25 -3.68 7.10
C ILE C 60 30.08 -4.94 7.30
N LYS C 61 30.09 -5.82 6.31
CA LYS C 61 30.95 -7.00 6.39
C LYS C 61 32.42 -6.60 6.35
N LEU C 62 32.75 -5.53 5.63
CA LEU C 62 34.15 -5.15 5.47
C LEU C 62 34.74 -4.61 6.77
N LYS C 63 34.17 -3.54 7.33
CA LYS C 63 34.76 -3.01 8.55
C LYS C 63 34.59 -3.99 9.71
N THR C 64 33.43 -4.60 9.82
CA THR C 64 33.08 -5.43 10.98
C THR C 64 32.99 -6.88 10.50
N LYS C 65 34.00 -7.69 10.80
CA LYS C 65 34.15 -8.98 10.12
C LYS C 65 33.06 -9.97 10.50
N THR C 66 32.98 -10.35 11.77
CA THR C 66 32.32 -11.56 12.23
C THR C 66 30.80 -11.47 12.15
N LYS C 67 30.27 -10.46 11.49
CA LYS C 67 28.83 -10.24 11.48
C LYS C 67 28.15 -11.35 10.69
N GLU C 68 26.91 -11.65 11.07
CA GLU C 68 26.17 -12.78 10.53
C GLU C 68 24.88 -12.32 9.87
N ASP C 69 24.05 -13.28 9.50
CA ASP C 69 22.79 -12.96 8.85
C ASP C 69 21.90 -12.18 9.81
N GLY C 70 21.10 -11.27 9.27
CA GLY C 70 20.13 -10.57 10.09
C GLY C 70 19.85 -9.20 9.53
N VAL C 71 18.91 -8.51 10.17
CA VAL C 71 18.50 -7.20 9.72
C VAL C 71 19.48 -6.16 10.25
N TYR C 72 19.83 -5.21 9.41
CA TYR C 72 20.73 -4.13 9.78
C TYR C 72 20.14 -2.80 9.30
N CYS C 73 20.62 -1.72 9.89
CA CYS C 73 20.19 -0.38 9.54
C CYS C 73 21.10 0.17 8.45
N LEU C 74 20.50 0.71 7.40
CA LEU C 74 21.23 1.31 6.29
C LEU C 74 20.60 2.66 5.98
N GLN C 75 21.28 3.44 5.15
CA GLN C 75 20.75 4.70 4.69
C GLN C 75 21.18 4.94 3.26
N THR C 76 20.27 5.52 2.47
CA THR C 76 20.63 5.96 1.14
C THR C 76 21.61 7.11 1.25
N LYS C 77 22.34 7.40 0.17
CA LYS C 77 23.29 8.50 0.27
C LYS C 77 22.59 9.84 0.37
N SER C 78 21.31 9.91 0.00
CA SER C 78 20.51 11.09 0.26
C SER C 78 20.09 11.18 1.71
N GLY C 79 20.14 10.07 2.44
CA GLY C 79 20.12 10.11 3.88
C GLY C 79 18.96 9.47 4.57
N GLN C 80 17.97 8.94 3.86
CA GLN C 80 16.82 8.37 4.53
C GLN C 80 17.19 6.97 5.02
N PHE C 81 16.71 6.63 6.21
CA PHE C 81 17.07 5.39 6.85
C PHE C 81 16.11 4.28 6.43
N TYR C 82 16.60 3.05 6.48
CA TYR C 82 15.75 1.88 6.28
C TYR C 82 16.48 0.68 6.86
N GLN C 83 15.80 -0.45 6.87
CA GLN C 83 16.36 -1.69 7.38
C GLN C 83 16.40 -2.72 6.27
N ALA C 84 17.48 -3.47 6.21
CA ALA C 84 17.64 -4.45 5.15
C ALA C 84 18.21 -5.73 5.74
N PHE C 85 17.85 -6.85 5.14
CA PHE C 85 18.31 -8.15 5.60
C PHE C 85 19.63 -8.50 4.94
N CYS C 86 20.70 -8.40 5.71
CA CYS C 86 22.05 -8.70 5.24
C CYS C 86 22.35 -10.17 5.44
N ASP C 87 22.78 -10.83 4.36
CA ASP C 87 23.33 -12.17 4.42
C ASP C 87 24.85 -12.06 4.45
N MET C 88 25.50 -12.80 5.34
CA MET C 88 26.92 -12.62 5.59
C MET C 88 27.71 -13.92 5.51
N ASN C 89 27.13 -14.99 4.97
CA ASN C 89 27.81 -16.28 4.92
C ASN C 89 28.02 -16.77 3.50
N THR C 90 27.19 -16.31 2.57
CA THR C 90 27.30 -16.74 1.18
C THR C 90 28.55 -16.16 0.53
N ASN C 91 29.53 -17.02 0.29
CA ASN C 91 30.69 -16.67 -0.53
C ASN C 91 31.32 -15.36 -0.05
N GLY C 92 31.78 -15.36 1.20
CA GLY C 92 32.27 -14.15 1.82
C GLY C 92 31.18 -13.21 2.30
N GLY C 93 29.92 -13.49 1.99
CA GLY C 93 28.82 -12.69 2.50
C GLY C 93 28.82 -11.28 1.96
N GLY C 94 27.96 -10.47 2.55
CA GLY C 94 27.81 -9.09 2.16
C GLY C 94 26.69 -8.80 1.20
N TRP C 95 25.76 -9.71 1.02
CA TRP C 95 24.66 -9.53 0.09
C TRP C 95 23.52 -8.82 0.77
N THR C 96 23.00 -7.78 0.14
CA THR C 96 21.87 -7.03 0.67
C THR C 96 20.60 -7.47 -0.04
N LEU C 97 19.57 -7.80 0.72
CA LEU C 97 18.28 -8.12 0.12
C LEU C 97 17.63 -6.83 -0.35
N VAL C 98 17.33 -6.75 -1.64
CA VAL C 98 16.80 -5.50 -2.21
C VAL C 98 15.41 -5.67 -2.82
N ALA C 99 14.96 -6.88 -3.13
CA ALA C 99 13.68 -7.02 -3.78
C ALA C 99 13.14 -8.40 -3.50
N SER C 100 11.88 -8.61 -3.90
CA SER C 100 11.22 -9.89 -3.75
C SER C 100 10.02 -9.91 -4.67
N VAL C 101 9.94 -10.91 -5.54
CA VAL C 101 8.84 -11.01 -6.50
C VAL C 101 7.90 -12.09 -6.01
N HIS C 102 6.92 -11.71 -5.20
CA HIS C 102 5.98 -12.64 -4.62
C HIS C 102 4.74 -12.70 -5.50
N GLU C 103 4.15 -13.88 -5.61
CA GLU C 103 2.91 -14.05 -6.34
C GLU C 103 1.84 -14.46 -5.34
N ASN C 104 0.88 -13.58 -5.12
CA ASN C 104 -0.22 -13.85 -4.20
C ASN C 104 -1.36 -14.62 -4.84
N ASN C 105 -1.54 -14.49 -6.16
CA ASN C 105 -2.64 -15.16 -6.82
C ASN C 105 -2.36 -15.39 -8.29
N ILE C 106 -2.06 -16.64 -8.65
CA ILE C 106 -1.72 -16.98 -10.02
C ILE C 106 -2.93 -16.85 -10.93
N ALA C 107 -4.14 -16.92 -10.36
CA ALA C 107 -5.35 -16.79 -11.15
C ALA C 107 -5.72 -15.34 -11.43
N ALA C 108 -5.17 -14.38 -10.68
CA ALA C 108 -5.44 -12.98 -10.90
C ALA C 108 -4.48 -12.43 -11.94
N LYS C 109 -4.99 -12.20 -13.14
CA LYS C 109 -4.20 -11.80 -14.30
C LYS C 109 -4.06 -10.29 -14.29
N CYS C 110 -2.89 -9.80 -13.84
CA CYS C 110 -2.64 -8.37 -13.72
C CYS C 110 -3.74 -7.68 -12.90
N ALA C 111 -3.81 -8.06 -11.63
CA ALA C 111 -4.76 -7.52 -10.67
C ALA C 111 -4.01 -7.02 -9.45
N ILE C 112 -4.75 -6.73 -8.37
CA ILE C 112 -4.11 -6.23 -7.16
C ILE C 112 -3.09 -7.24 -6.68
N GLY C 113 -1.88 -6.76 -6.38
CA GLY C 113 -0.81 -7.59 -5.90
C GLY C 113 0.22 -7.97 -6.94
N ASP C 114 -0.10 -7.80 -8.23
CA ASP C 114 0.89 -8.04 -9.27
C ASP C 114 1.65 -6.74 -9.52
N ARG C 115 2.37 -6.29 -8.49
CA ARG C 115 3.08 -5.02 -8.57
C ARG C 115 4.23 -5.02 -9.54
N TRP C 116 4.73 -6.18 -9.93
CA TRP C 116 5.90 -6.24 -10.79
C TRP C 116 5.56 -6.28 -12.27
N SER C 117 4.32 -6.63 -12.63
CA SER C 117 3.96 -6.70 -14.03
C SER C 117 2.94 -5.63 -14.35
N SER C 118 1.78 -5.64 -13.71
CA SER C 118 0.74 -4.64 -13.92
C SER C 118 -0.37 -4.87 -12.93
N GLN C 119 -1.06 -3.80 -12.56
CA GLN C 119 -2.15 -3.88 -11.61
C GLN C 119 -3.48 -3.45 -12.21
N LEU C 120 -3.48 -2.97 -13.45
CA LEU C 120 -4.69 -2.46 -14.08
C LEU C 120 -5.11 -3.30 -15.28
N GLY C 121 -4.57 -4.51 -15.43
CA GLY C 121 -4.94 -5.35 -16.53
C GLY C 121 -3.92 -5.32 -17.66
N SER C 122 -4.19 -6.07 -18.71
CA SER C 122 -3.33 -6.11 -19.88
C SER C 122 -3.97 -5.27 -20.99
N ASN C 123 -3.59 -4.00 -21.03
CA ASN C 123 -4.21 -3.08 -21.96
C ASN C 123 -3.14 -2.56 -22.91
N PRO C 124 -3.37 -2.64 -24.21
CA PRO C 124 -2.39 -2.11 -25.17
C PRO C 124 -2.50 -0.61 -25.42
N ALA C 125 -3.29 0.11 -24.63
CA ALA C 125 -3.38 1.56 -24.78
C ALA C 125 -2.06 2.23 -24.44
N VAL C 126 -1.84 3.42 -24.99
CA VAL C 126 -0.54 4.09 -24.88
C VAL C 126 -0.15 4.33 -23.43
N GLY C 127 -1.13 4.51 -22.56
CA GLY C 127 -0.84 4.72 -21.15
C GLY C 127 -0.74 3.46 -20.33
N PHE C 128 -0.83 2.30 -20.97
CA PHE C 128 -0.93 1.04 -20.26
C PHE C 128 0.20 0.07 -20.58
N VAL C 129 0.90 0.26 -21.71
CA VAL C 129 1.80 -0.78 -22.17
C VAL C 129 3.07 -0.80 -21.35
N ASP C 130 3.26 0.20 -20.50
CA ASP C 130 4.47 0.27 -19.68
C ASP C 130 4.28 -0.34 -18.30
N GLY C 131 3.10 -0.85 -17.99
CA GLY C 131 2.89 -1.48 -16.70
C GLY C 131 3.04 -0.51 -15.55
N ASP C 132 3.63 -0.98 -14.46
CA ASP C 132 3.92 -0.11 -13.33
C ASP C 132 5.36 0.36 -13.29
N ARG C 133 6.21 -0.16 -14.16
CA ARG C 133 7.63 0.20 -14.21
C ARG C 133 8.34 -0.10 -12.91
N SER C 134 7.76 -0.95 -12.05
CA SER C 134 8.37 -1.21 -10.76
C SER C 134 9.77 -1.76 -10.88
N TRP C 135 10.15 -2.26 -12.06
CA TRP C 135 11.53 -2.65 -12.31
C TRP C 135 12.43 -1.47 -12.56
N ALA C 136 11.88 -0.33 -12.99
CA ALA C 136 12.69 0.82 -13.38
C ALA C 136 12.09 2.11 -12.87
N ASN C 137 11.69 2.15 -11.60
CA ASN C 137 11.26 3.39 -10.97
C ASN C 137 11.64 3.38 -9.51
N LEU C 138 11.51 4.53 -8.87
CA LEU C 138 11.91 4.70 -7.48
C LEU C 138 10.83 4.26 -6.50
N ASN C 139 9.73 3.70 -6.99
CA ASN C 139 8.67 3.29 -6.09
C ASN C 139 9.14 2.13 -5.21
N THR C 140 8.82 2.22 -3.91
CA THR C 140 9.18 1.18 -2.96
C THR C 140 7.95 0.77 -2.19
N PHE C 141 7.92 -0.48 -1.76
CA PHE C 141 6.73 -1.00 -1.11
C PHE C 141 7.11 -2.17 -0.21
N GLY C 142 6.16 -2.58 0.62
CA GLY C 142 6.36 -3.70 1.52
C GLY C 142 7.41 -3.44 2.58
N ARG C 143 7.51 -4.39 3.50
CA ARG C 143 8.51 -4.36 4.56
C ARG C 143 9.26 -5.68 4.57
N VAL C 144 10.23 -5.77 5.48
CA VAL C 144 11.19 -6.87 5.42
C VAL C 144 10.52 -8.19 5.74
N GLU C 145 10.04 -8.35 6.98
CA GLU C 145 9.59 -9.66 7.42
C GLU C 145 8.32 -10.12 6.71
N SER C 146 7.74 -9.31 5.86
CA SER C 146 6.63 -9.75 5.02
C SER C 146 7.08 -10.04 3.60
N ALA C 147 8.38 -10.07 3.35
CA ALA C 147 8.89 -10.30 2.00
C ALA C 147 8.52 -11.67 1.46
N THR C 148 8.01 -12.56 2.29
CA THR C 148 7.64 -13.90 1.88
C THR C 148 6.13 -14.08 1.80
N ASP C 149 5.37 -13.01 2.04
CA ASP C 149 3.93 -13.07 1.87
C ASP C 149 3.38 -12.03 0.90
N ASP C 150 4.16 -11.03 0.53
CA ASP C 150 3.75 -10.12 -0.53
C ASP C 150 5.01 -9.41 -1.02
N ASP C 151 4.92 -8.85 -2.21
CA ASP C 151 6.04 -8.19 -2.87
C ASP C 151 6.75 -7.24 -1.93
N TYR C 152 8.04 -7.03 -2.19
CA TYR C 152 8.87 -6.21 -1.34
C TYR C 152 9.96 -5.57 -2.18
N LYS C 153 10.27 -4.31 -1.87
CA LYS C 153 11.29 -3.58 -2.61
C LYS C 153 11.70 -2.37 -1.80
N ASN C 154 13.00 -2.23 -1.55
CA ASN C 154 13.47 -1.16 -0.69
C ASN C 154 14.41 -0.24 -1.47
N PRO C 155 14.75 0.94 -0.94
CA PRO C 155 15.61 1.85 -1.71
C PRO C 155 16.89 1.22 -2.21
N GLY C 156 17.47 0.29 -1.46
CA GLY C 156 18.67 -0.38 -1.93
C GLY C 156 18.56 -0.98 -3.30
N TYR C 157 17.35 -1.09 -3.85
CA TYR C 157 17.19 -1.59 -5.20
C TYR C 157 17.88 -0.69 -6.21
N PHE C 158 17.71 0.62 -6.08
CA PHE C 158 18.24 1.54 -7.08
C PHE C 158 19.41 2.35 -6.58
N ASP C 159 19.55 2.55 -5.28
CA ASP C 159 20.66 3.35 -4.78
C ASP C 159 21.95 2.54 -4.76
N VAL C 160 21.97 1.43 -4.03
CA VAL C 160 23.20 0.67 -3.83
C VAL C 160 23.78 0.24 -5.17
N ASP C 161 25.05 0.54 -5.38
CA ASP C 161 25.78 0.02 -6.51
C ASP C 161 26.29 -1.37 -6.16
N ALA C 162 26.35 -2.25 -7.15
CA ALA C 162 26.69 -3.62 -6.87
C ALA C 162 27.43 -4.22 -8.06
N GLU C 163 28.05 -5.37 -7.82
CA GLU C 163 28.74 -6.13 -8.85
C GLU C 163 27.96 -7.35 -9.29
N ASP C 164 27.38 -8.10 -8.35
CA ASP C 164 26.68 -9.33 -8.66
C ASP C 164 25.34 -9.35 -7.96
N ILE C 165 24.47 -10.23 -8.44
CA ILE C 165 23.17 -10.46 -7.84
C ILE C 165 23.08 -11.91 -7.40
N SER C 166 22.41 -12.13 -6.29
CA SER C 166 22.11 -13.46 -5.80
C SER C 166 20.60 -13.65 -5.82
N VAL C 167 20.16 -14.88 -6.02
CA VAL C 167 18.74 -15.18 -6.13
C VAL C 167 18.41 -16.36 -5.25
N TRP C 168 17.36 -16.21 -4.44
CA TRP C 168 16.83 -17.26 -3.61
C TRP C 168 15.39 -17.54 -3.99
N HIS C 169 14.95 -18.77 -3.80
CA HIS C 169 13.55 -19.12 -3.92
C HIS C 169 13.09 -19.61 -2.56
N VAL C 170 12.22 -18.85 -1.91
CA VAL C 170 11.78 -19.16 -0.56
C VAL C 170 10.29 -19.47 -0.60
N PRO C 171 9.84 -20.55 0.00
CA PRO C 171 8.40 -20.86 -0.02
C PRO C 171 7.59 -19.83 0.75
N ASN C 172 6.42 -19.47 0.23
CA ASN C 172 5.59 -18.46 0.84
C ASN C 172 5.22 -18.83 2.27
N GLY C 173 5.05 -17.81 3.10
CA GLY C 173 4.71 -18.03 4.50
C GLY C 173 5.88 -18.35 5.39
N THR C 174 7.08 -18.41 4.85
CA THR C 174 8.24 -18.77 5.65
C THR C 174 8.67 -17.58 6.50
N PRO C 175 8.72 -17.72 7.82
CA PRO C 175 9.28 -16.65 8.65
C PRO C 175 10.74 -16.41 8.33
N LEU C 176 11.26 -15.29 8.82
CA LEU C 176 12.62 -14.88 8.48
C LEU C 176 13.65 -15.92 8.88
N ALA C 177 13.52 -16.47 10.09
CA ALA C 177 14.56 -17.35 10.62
C ALA C 177 14.75 -18.62 9.79
N GLN C 178 13.80 -18.96 8.94
CA GLN C 178 13.90 -20.13 8.09
C GLN C 178 14.40 -19.84 6.69
N TRP C 179 14.48 -18.55 6.31
CA TRP C 179 14.62 -18.20 4.90
C TRP C 179 15.75 -18.97 4.22
N LYS C 180 16.92 -19.03 4.85
CA LYS C 180 18.05 -19.66 4.18
C LYS C 180 17.89 -21.17 4.12
N ILE C 181 17.38 -21.79 5.19
CA ILE C 181 17.36 -23.25 5.22
C ILE C 181 16.13 -23.81 4.53
N SER C 182 15.04 -23.05 4.46
CA SER C 182 13.83 -23.49 3.79
C SER C 182 13.85 -23.19 2.30
N SER C 183 14.78 -22.35 1.85
CA SER C 183 14.85 -22.03 0.43
C SER C 183 15.14 -23.28 -0.37
N ILE C 184 14.61 -23.34 -1.58
CA ILE C 184 14.83 -24.49 -2.44
C ILE C 184 15.94 -24.26 -3.46
N PHE C 185 16.11 -23.03 -3.94
CA PHE C 185 17.17 -22.69 -4.88
C PHE C 185 17.91 -21.47 -4.38
N ARG C 186 19.23 -21.52 -4.48
CA ARG C 186 20.05 -20.38 -4.15
C ARG C 186 21.23 -20.35 -5.11
N TYR C 187 21.41 -19.23 -5.79
CA TYR C 187 22.57 -19.10 -6.65
C TYR C 187 23.00 -17.65 -6.67
N HIS C 188 24.13 -17.40 -7.32
CA HIS C 188 24.62 -16.04 -7.48
C HIS C 188 25.61 -16.00 -8.63
N THR C 189 25.68 -14.84 -9.27
CA THR C 189 26.64 -14.65 -10.34
C THR C 189 28.00 -14.28 -9.79
N ALA C 190 29.03 -14.46 -10.59
CA ALA C 190 30.40 -14.15 -10.18
C ALA C 190 31.17 -13.46 -11.29
N THR C 191 30.48 -12.67 -12.12
CA THR C 191 31.11 -12.05 -13.27
C THR C 191 31.14 -10.52 -13.21
N GLU C 192 30.67 -9.92 -12.12
CA GLU C 192 30.78 -8.48 -11.92
C GLU C 192 30.22 -7.73 -13.11
N PHE C 193 29.07 -8.18 -13.61
CA PHE C 193 28.52 -7.64 -14.84
C PHE C 193 27.67 -6.40 -14.61
N LEU C 194 27.49 -5.99 -13.36
CA LEU C 194 26.60 -4.86 -13.11
C LEU C 194 27.29 -3.53 -13.29
N THR C 195 28.62 -3.50 -13.18
CA THR C 195 29.33 -2.22 -13.31
C THR C 195 29.19 -1.62 -14.70
N PRO C 196 29.37 -2.35 -15.80
CA PRO C 196 29.14 -1.75 -17.11
C PRO C 196 27.70 -1.35 -17.35
N LEU C 197 26.76 -1.82 -16.51
CA LEU C 197 25.34 -1.59 -16.74
C LEU C 197 24.77 -0.54 -15.81
N GLY C 198 25.60 0.14 -15.04
CA GLY C 198 25.12 1.18 -14.16
C GLY C 198 25.19 0.87 -12.69
N GLY C 199 25.43 -0.38 -12.31
CA GLY C 199 25.64 -0.73 -10.93
C GLY C 199 24.48 -1.43 -10.26
N ASN C 200 23.28 -1.34 -10.83
CA ASN C 200 22.12 -2.00 -10.23
C ASN C 200 21.10 -2.24 -11.32
N LEU C 201 20.02 -2.92 -10.94
CA LEU C 201 19.01 -3.31 -11.93
C LEU C 201 18.23 -2.10 -12.43
N TYR C 202 18.11 -1.06 -11.60
CA TYR C 202 17.43 0.14 -12.04
C TYR C 202 18.13 0.76 -13.25
N PHE C 203 19.43 0.96 -13.15
CA PHE C 203 20.17 1.46 -14.31
C PHE C 203 20.29 0.40 -15.38
N LEU C 204 20.16 -0.87 -15.00
CA LEU C 204 20.19 -1.92 -16.02
C LEU C 204 18.94 -1.85 -16.88
N TYR C 205 17.86 -1.32 -16.35
CA TYR C 205 16.65 -1.12 -17.12
C TYR C 205 16.49 0.32 -17.58
N LYS C 206 17.51 1.16 -17.35
CA LYS C 206 17.67 2.37 -18.16
C LYS C 206 18.57 2.14 -19.37
N ILE C 207 19.68 1.44 -19.19
CA ILE C 207 20.40 0.77 -20.28
C ILE C 207 19.53 -0.39 -20.76
N PHE C 208 19.96 -1.11 -21.79
CA PHE C 208 19.06 -2.01 -22.48
C PHE C 208 18.58 -3.13 -21.55
N TYR C 209 17.43 -2.88 -20.95
CA TYR C 209 16.26 -2.44 -21.68
C TYR C 209 15.40 -1.59 -20.78
N PRO C 210 14.88 -0.49 -21.26
CA PRO C 210 13.52 -0.11 -20.87
C PRO C 210 12.51 -1.19 -21.20
N LEU C 211 11.88 -1.79 -20.19
CA LEU C 211 11.01 -2.93 -20.43
C LEU C 211 9.74 -2.50 -21.12
N VAL C 212 9.80 -2.31 -22.44
CA VAL C 212 8.68 -1.78 -23.21
C VAL C 212 8.21 -2.84 -24.18
N TYR C 213 6.90 -2.98 -24.31
CA TYR C 213 6.36 -4.01 -25.19
C TYR C 213 6.56 -3.62 -26.64
N GLY C 214 6.88 -4.60 -27.46
CA GLY C 214 6.91 -4.41 -28.89
C GLY C 214 8.22 -3.91 -29.46
N SER C 215 9.07 -3.28 -28.67
CA SER C 215 10.26 -2.66 -29.22
C SER C 215 11.44 -3.63 -29.28
N GLY C 216 11.17 -4.91 -29.46
CA GLY C 216 12.22 -5.88 -29.66
C GLY C 216 11.69 -7.14 -30.31
N THR C 217 12.48 -8.21 -30.22
CA THR C 217 12.09 -9.53 -30.67
C THR C 217 12.91 -10.56 -29.92
N CYS C 218 12.51 -11.83 -30.02
CA CYS C 218 13.21 -12.91 -29.34
C CYS C 218 14.56 -13.12 -30.01
N PRO C 219 15.35 -14.14 -29.65
CA PRO C 219 16.76 -13.92 -29.26
C PRO C 219 17.52 -12.81 -29.96
N ALA C 220 17.17 -12.47 -31.20
CA ALA C 220 17.87 -11.41 -31.91
C ALA C 220 18.04 -10.16 -31.05
N SER C 221 17.10 -9.89 -30.15
CA SER C 221 17.14 -8.70 -29.30
C SER C 221 17.05 -9.02 -27.82
N ASN C 222 17.50 -10.20 -27.41
CA ASN C 222 17.42 -10.58 -26.01
C ASN C 222 18.46 -9.83 -25.18
N GLY C 223 18.37 -9.97 -23.87
CA GLY C 223 19.28 -9.30 -22.97
C GLY C 223 20.49 -10.15 -22.65
N PRO C 224 21.18 -9.82 -21.56
CA PRO C 224 22.38 -10.55 -21.19
C PRO C 224 22.04 -11.94 -20.64
N ALA C 225 22.99 -12.85 -20.74
CA ALA C 225 22.89 -14.17 -20.15
C ALA C 225 24.15 -14.42 -19.33
N ILE C 226 24.02 -14.40 -18.01
CA ILE C 226 25.15 -14.45 -17.10
C ILE C 226 25.26 -15.86 -16.55
N PRO C 227 26.45 -16.47 -16.55
CA PRO C 227 26.59 -17.77 -15.91
C PRO C 227 26.55 -17.63 -14.40
N ILE C 228 25.93 -18.59 -13.74
CA ILE C 228 25.74 -18.54 -12.30
C ILE C 228 26.47 -19.70 -11.66
N VAL C 229 26.75 -19.55 -10.37
CA VAL C 229 27.25 -20.66 -9.57
C VAL C 229 26.16 -21.04 -8.58
N TYR C 230 26.06 -22.33 -8.33
CA TYR C 230 24.97 -22.88 -7.53
C TYR C 230 25.38 -22.87 -6.07
N ASP C 231 24.53 -22.28 -5.24
CA ASP C 231 24.76 -22.27 -3.81
C ASP C 231 23.96 -23.34 -3.11
N PHE C 232 22.77 -23.62 -3.61
CA PHE C 232 21.94 -24.72 -3.12
C PHE C 232 21.00 -25.10 -4.26
N GLY C 233 20.97 -26.37 -4.58
CA GLY C 233 20.29 -26.83 -5.75
C GLY C 233 21.30 -27.18 -6.84
N ASN C 234 20.81 -27.86 -7.87
CA ASN C 234 21.68 -28.29 -8.95
C ASN C 234 20.84 -28.41 -10.21
N THR C 235 21.55 -28.53 -11.34
CA THR C 235 20.89 -28.48 -12.64
C THR C 235 19.82 -29.54 -12.79
N ILE C 236 19.98 -30.67 -12.10
CA ILE C 236 18.92 -31.67 -12.10
C ILE C 236 17.67 -31.12 -11.39
N SER C 237 17.87 -30.51 -10.22
CA SER C 237 16.73 -29.91 -9.52
C SER C 237 16.12 -28.79 -10.34
N VAL C 238 16.96 -27.96 -10.97
CA VAL C 238 16.45 -26.92 -11.88
C VAL C 238 15.55 -27.54 -12.93
N ALA C 239 16.03 -28.62 -13.57
CA ALA C 239 15.22 -29.28 -14.59
C ALA C 239 13.98 -29.92 -13.98
N SER C 240 13.97 -30.09 -12.67
CA SER C 240 12.82 -30.68 -11.99
C SER C 240 11.77 -29.66 -11.58
N GLN C 241 12.13 -28.37 -11.52
CA GLN C 241 11.18 -27.36 -11.07
C GLN C 241 10.44 -26.66 -12.20
N VAL C 242 11.08 -26.47 -13.34
CA VAL C 242 10.50 -25.80 -14.50
C VAL C 242 9.63 -26.77 -15.27
N CYS C 243 8.86 -26.27 -16.25
CA CYS C 243 7.96 -27.15 -16.97
C CYS C 243 8.73 -28.26 -17.69
N PRO C 244 8.04 -29.33 -18.09
CA PRO C 244 8.70 -30.30 -18.98
C PRO C 244 9.07 -29.71 -20.33
N ALA C 245 8.12 -29.05 -21.00
CA ALA C 245 8.44 -28.45 -22.29
C ALA C 245 9.33 -27.23 -22.13
N CYS C 246 9.62 -26.83 -20.88
CA CYS C 246 10.59 -25.78 -20.64
C CYS C 246 11.94 -26.13 -21.25
N LEU C 247 12.51 -27.26 -20.79
CA LEU C 247 13.90 -27.59 -21.10
C LEU C 247 14.14 -27.76 -22.58
N GLY C 248 13.10 -28.00 -23.35
CA GLY C 248 13.26 -28.13 -24.77
C GLY C 248 13.72 -26.88 -25.49
N GLY C 249 13.83 -25.76 -24.78
CA GLY C 249 14.27 -24.55 -25.43
C GLY C 249 15.14 -23.65 -24.58
N THR C 250 15.79 -24.23 -23.58
CA THR C 250 16.60 -23.46 -22.64
C THR C 250 17.84 -24.26 -22.30
N LEU C 251 18.71 -23.66 -21.48
CA LEU C 251 19.91 -24.32 -20.99
C LEU C 251 20.16 -23.89 -19.55
N GLN C 252 20.27 -24.86 -18.65
CA GLN C 252 20.40 -24.55 -17.24
C GLN C 252 21.68 -23.79 -16.96
N GLY C 253 21.75 -23.17 -15.81
CA GLY C 253 22.98 -22.61 -15.31
C GLY C 253 23.25 -21.16 -15.65
N TYR C 254 22.26 -20.43 -16.15
CA TYR C 254 22.43 -19.01 -16.42
C TYR C 254 21.22 -18.26 -15.92
N VAL C 255 21.44 -16.98 -15.63
CA VAL C 255 20.36 -16.04 -15.37
C VAL C 255 20.25 -15.13 -16.58
N HIS C 256 19.04 -14.86 -17.02
CA HIS C 256 18.80 -14.10 -18.23
C HIS C 256 17.90 -12.92 -17.90
N LEU C 257 18.30 -11.73 -18.33
CA LEU C 257 17.60 -10.50 -18.02
C LEU C 257 17.05 -9.89 -19.29
N ARG C 258 15.77 -9.51 -19.25
CA ARG C 258 15.08 -8.92 -20.40
C ARG C 258 15.11 -9.86 -21.61
N VAL C 259 14.36 -10.93 -21.51
CA VAL C 259 14.10 -11.79 -22.65
C VAL C 259 12.86 -11.24 -23.35
N PHE C 260 12.73 -11.52 -24.63
CA PHE C 260 11.51 -11.21 -25.37
C PHE C 260 10.78 -12.50 -25.68
N ASN C 261 9.47 -12.52 -25.48
CA ASN C 261 8.70 -13.71 -25.81
C ASN C 261 8.40 -13.72 -27.31
N ASN C 262 7.62 -14.70 -27.75
CA ASN C 262 7.31 -14.80 -29.17
C ASN C 262 6.51 -13.59 -29.64
N GLU C 263 5.83 -12.91 -28.72
CA GLU C 263 4.93 -11.82 -29.06
C GLU C 263 5.60 -10.46 -28.94
N ARG C 264 6.91 -10.42 -28.80
CA ARG C 264 7.68 -9.21 -28.54
C ARG C 264 7.38 -8.63 -27.16
N ALA C 265 6.69 -9.37 -26.31
CA ALA C 265 6.53 -8.82 -24.98
C ALA C 265 7.76 -9.12 -24.13
N PRO C 266 8.29 -8.13 -23.41
CA PRO C 266 9.53 -8.37 -22.68
C PRO C 266 9.27 -8.85 -21.27
N PHE C 267 10.15 -9.74 -20.80
CA PHE C 267 10.07 -10.28 -19.45
C PHE C 267 11.37 -10.00 -18.72
N ALA C 268 11.26 -9.63 -17.44
CA ALA C 268 12.41 -9.09 -16.73
C ALA C 268 13.47 -10.15 -16.52
N LEU C 269 13.11 -11.29 -15.96
CA LEU C 269 14.08 -12.20 -15.38
C LEU C 269 13.69 -13.64 -15.67
N CYS C 270 14.68 -14.45 -16.05
CA CYS C 270 14.51 -15.90 -16.14
C CYS C 270 15.50 -16.53 -15.17
N SER C 271 15.01 -16.97 -14.02
CA SER C 271 15.86 -17.48 -12.94
C SER C 271 16.23 -18.93 -13.23
N GLY C 272 17.51 -19.19 -13.43
CA GLY C 272 18.05 -20.54 -13.47
C GLY C 272 18.46 -21.04 -14.83
N LEU C 273 18.02 -20.41 -15.92
CA LEU C 273 18.28 -20.94 -17.25
C LEU C 273 18.37 -19.81 -18.27
N ARG C 274 19.20 -20.05 -19.28
CA ARG C 274 19.39 -19.15 -20.40
C ARG C 274 18.48 -19.57 -21.53
N VAL C 275 17.85 -18.59 -22.19
CA VAL C 275 16.89 -18.88 -23.22
C VAL C 275 17.60 -19.23 -24.52
N LEU C 276 17.15 -20.32 -25.15
CA LEU C 276 17.60 -20.71 -26.46
C LEU C 276 16.67 -20.11 -27.51
N ASP C 277 16.68 -20.69 -28.72
CA ASP C 277 15.92 -20.14 -29.82
C ASP C 277 14.42 -20.34 -29.61
N ASN C 278 14.02 -20.77 -28.43
CA ASN C 278 12.61 -20.96 -28.11
C ASN C 278 12.00 -19.70 -27.52
N CYS C 279 11.04 -19.08 -28.23
CA CYS C 279 10.46 -17.81 -27.85
C CYS C 279 9.17 -17.98 -27.06
N ASN C 280 8.95 -19.16 -26.48
CA ASN C 280 7.82 -19.39 -25.58
C ASN C 280 8.27 -19.13 -24.15
N THR C 281 8.76 -17.92 -23.93
CA THR C 281 9.39 -17.56 -22.67
C THR C 281 8.41 -17.12 -21.60
N GLU C 282 7.12 -17.05 -21.92
CA GLU C 282 6.15 -16.64 -20.91
C GLU C 282 6.03 -17.64 -19.79
N HIS C 283 6.58 -18.85 -19.97
CA HIS C 283 6.36 -19.94 -19.03
C HIS C 283 7.52 -20.14 -18.07
N TYR C 284 8.64 -19.45 -18.24
CA TYR C 284 9.73 -19.63 -17.29
C TYR C 284 10.44 -18.32 -16.96
N CYS C 285 9.82 -17.19 -17.22
CA CYS C 285 10.42 -15.90 -16.89
C CYS C 285 9.38 -15.03 -16.21
N ILE C 286 9.81 -14.27 -15.21
CA ILE C 286 8.89 -13.53 -14.35
C ILE C 286 9.01 -12.04 -14.64
N GLY C 287 8.11 -11.27 -14.05
CA GLY C 287 8.06 -9.84 -14.28
C GLY C 287 7.57 -9.54 -15.68
N GLY C 288 7.48 -8.27 -16.04
CA GLY C 288 7.14 -7.92 -17.40
C GLY C 288 6.52 -6.55 -17.49
N ALA C 289 6.01 -6.25 -18.68
CA ALA C 289 5.29 -5.01 -18.91
C ALA C 289 3.80 -5.23 -18.68
N GLY C 290 3.01 -4.25 -19.08
CA GLY C 290 1.59 -4.31 -18.86
C GLY C 290 0.75 -4.90 -19.95
N TYR C 291 1.35 -5.59 -20.93
CA TYR C 291 0.56 -6.12 -22.03
C TYR C 291 1.23 -7.36 -22.60
N VAL C 292 0.48 -8.45 -22.71
CA VAL C 292 0.89 -9.63 -23.47
C VAL C 292 -0.31 -10.07 -24.31
N PRO C 293 -0.15 -10.22 -25.61
CA PRO C 293 -1.32 -10.38 -26.48
C PRO C 293 -1.77 -11.81 -26.71
N GLU C 294 -0.92 -12.79 -26.47
CA GLU C 294 -1.32 -14.17 -26.74
C GLU C 294 -2.31 -14.63 -25.68
N GLN C 295 -3.55 -14.90 -26.10
CA GLN C 295 -4.59 -15.36 -25.19
C GLN C 295 -4.76 -14.41 -24.01
N THR C 296 -4.74 -13.11 -24.30
CA THR C 296 -4.86 -12.10 -23.26
C THR C 296 -6.15 -12.30 -22.47
N PRO C 297 -6.10 -12.20 -21.14
CA PRO C 297 -4.87 -11.91 -20.38
C PRO C 297 -4.33 -13.12 -19.66
N ARG C 298 -4.39 -14.30 -20.28
CA ARG C 298 -3.98 -15.51 -19.58
C ARG C 298 -2.49 -15.55 -19.28
N GLN C 299 -1.73 -14.56 -19.75
CA GLN C 299 -0.29 -14.53 -19.53
C GLN C 299 0.15 -13.27 -18.80
N CYS C 300 -0.72 -12.67 -18.01
CA CYS C 300 -0.42 -11.50 -17.20
C CYS C 300 -0.13 -11.90 -15.77
N GLY C 301 0.75 -11.16 -15.12
CA GLY C 301 0.98 -11.33 -13.70
C GLY C 301 2.47 -11.34 -13.36
N ASP C 302 2.76 -11.30 -12.06
CA ASP C 302 4.14 -11.41 -11.61
C ASP C 302 4.77 -12.69 -12.12
N PHE C 303 4.09 -13.83 -11.95
CA PHE C 303 4.49 -15.09 -12.53
C PHE C 303 3.71 -15.37 -13.81
N SER C 304 4.17 -14.84 -14.94
CA SER C 304 3.36 -14.60 -16.14
C SER C 304 2.47 -15.79 -16.48
N ALA C 305 3.01 -16.94 -16.85
CA ALA C 305 2.17 -18.02 -17.36
C ALA C 305 2.51 -19.37 -16.73
N PHE C 306 2.92 -19.38 -15.48
CA PHE C 306 3.31 -20.62 -14.83
C PHE C 306 2.14 -21.56 -14.59
N ASP C 307 0.94 -21.18 -15.00
CA ASP C 307 -0.25 -22.00 -14.82
C ASP C 307 -0.95 -22.31 -16.13
N TRP C 308 -0.21 -22.30 -17.24
CA TRP C 308 -0.84 -22.44 -18.55
C TRP C 308 -1.68 -23.70 -18.64
N SER C 309 -1.18 -24.81 -18.12
CA SER C 309 -1.89 -26.09 -18.18
C SER C 309 -2.30 -26.59 -16.80
N GLY C 310 -2.68 -25.70 -15.89
CA GLY C 310 -3.09 -26.14 -14.58
C GLY C 310 -2.06 -25.80 -13.53
N ILE C 311 -2.53 -25.48 -12.33
CA ILE C 311 -1.65 -24.97 -11.27
C ILE C 311 -0.87 -26.12 -10.63
N GLY C 312 0.46 -25.97 -10.57
CA GLY C 312 1.31 -26.92 -9.88
C GLY C 312 1.24 -28.34 -10.39
N THR C 313 0.46 -28.60 -11.44
CA THR C 313 0.30 -29.97 -11.92
C THR C 313 1.53 -30.49 -12.62
N HIS C 314 2.50 -29.61 -12.89
CA HIS C 314 3.80 -30.01 -13.43
C HIS C 314 3.65 -30.82 -14.72
N VAL C 315 2.94 -30.25 -15.70
CA VAL C 315 2.78 -30.87 -17.01
C VAL C 315 3.35 -29.92 -18.03
N GLU C 316 3.21 -30.28 -19.30
CA GLU C 316 4.00 -29.74 -20.41
C GLU C 316 4.30 -28.25 -20.26
N TRP C 317 3.32 -27.45 -19.85
CA TRP C 317 3.54 -26.01 -19.73
C TRP C 317 3.32 -25.49 -18.33
N SER C 318 3.25 -26.37 -17.33
CA SER C 318 2.96 -25.97 -15.97
C SER C 318 4.16 -26.18 -15.06
N ALA C 319 4.50 -25.14 -14.31
CA ALA C 319 5.59 -25.23 -13.35
C ALA C 319 5.20 -26.15 -12.20
N SER C 320 6.22 -26.67 -11.52
CA SER C 320 5.98 -27.47 -10.34
C SER C 320 5.36 -26.61 -9.23
N LYS C 321 4.54 -27.25 -8.40
CA LYS C 321 3.91 -26.52 -7.30
C LYS C 321 4.93 -25.90 -6.39
N SER C 322 6.09 -26.52 -6.25
CA SER C 322 7.13 -25.97 -5.38
C SER C 322 7.59 -24.61 -5.85
N LEU C 323 7.42 -24.33 -7.14
CA LEU C 323 7.88 -23.05 -7.67
C LEU C 323 6.75 -22.04 -7.71
N LEU C 324 5.52 -22.51 -7.86
CA LEU C 324 4.38 -21.61 -7.80
C LEU C 324 4.26 -20.93 -6.44
N GLU C 325 4.72 -21.55 -5.36
CA GLU C 325 4.63 -20.88 -4.08
C GLU C 325 5.97 -20.28 -3.64
N ALA C 326 6.80 -19.83 -4.57
CA ALA C 326 8.16 -19.42 -4.22
C ALA C 326 8.41 -17.96 -4.51
N ALA C 327 8.58 -17.19 -3.45
CA ALA C 327 9.01 -15.81 -3.60
C ALA C 327 10.47 -15.80 -4.01
N VAL C 328 10.79 -14.92 -4.95
CA VAL C 328 12.11 -14.84 -5.56
C VAL C 328 12.84 -13.66 -4.92
N PHE C 329 13.77 -13.96 -4.04
CA PHE C 329 14.54 -12.94 -3.34
C PHE C 329 15.74 -12.55 -4.20
N ILE C 330 15.99 -11.25 -4.28
CA ILE C 330 17.12 -10.72 -5.05
C ILE C 330 18.04 -9.99 -4.10
N PHE C 331 19.32 -10.32 -4.16
CA PHE C 331 20.36 -9.71 -3.35
C PHE C 331 21.38 -9.03 -4.23
N TYR C 332 21.94 -7.94 -3.73
CA TYR C 332 23.00 -7.20 -4.38
C TYR C 332 24.31 -7.46 -3.66
N ARG C 333 25.41 -7.36 -4.40
CA ARG C 333 26.72 -7.18 -3.78
C ARG C 333 27.61 -6.36 -4.69
CA CA D . -17.27 20.94 -17.97
CA CA E . -1.63 8.86 -8.16
CA CA F . -27.56 -16.15 6.29
CA CA G . -10.52 -1.95 5.48
CA CA H . 3.98 -18.03 -26.73
CA CA I . 2.88 -9.93 -6.16
#